data_4X68
#
_entry.id   4X68
#
_cell.length_a   74.027
_cell.length_b   54.781
_cell.length_c   75.667
_cell.angle_alpha   90.000
_cell.angle_beta   90.800
_cell.angle_gamma   90.000
#
_symmetry.space_group_name_H-M   'P 1 21 1'
#
loop_
_entity.id
_entity.type
_entity.pdbx_description
1 polymer Beta-lactamase
2 non-polymer (2S,5R)-N-(2-aminoethoxy)-1-formyl-5-[(sulfooxy)amino]piperidine-2-carboxamide
3 non-polymer 'NICKEL (II) ION'
4 water water
#
_entity_poly.entity_id   1
_entity_poly.type   'polypeptide(L)'
_entity_poly.pdbx_seq_one_letter_code
;MDRLKALVDAAVQPVMKANDIPGLAVAISLKGEPHYFSYGLASKEDGRRVTPETLFEIGSVSKTFTATLAGYALTQDKMR
LDDRASQHWPALQGSRFDGISLLDLATYTAGGLPLQFPDSVQKDQAQIRDYYRQWQPTYAPGSQRLYSNPSIGLFGYLAA
RSLGQPFERLMEQQVFPALGLEQTHLDVPEAALAQYAQGYGKDDRPLRVGPGPLDAEGYGVKTSAADLLRFVDANLHPER
LDRPWAQALDATHRGYYKVGDMTQGLGWEAYDWPISLKRLQAGNSTPMALQPHRIARLPAPQALEGQRLLNKTGSTNGFG
AYVAFVPGRDLGLVILANRNYPNAERVKIAYAILSGL
;
_entity_poly.pdbx_strand_id   A,B
#
# COMPACT_ATOMS: atom_id res chain seq x y z
N MET A 1 -33.33 -18.61 16.18
CA MET A 1 -32.10 -18.08 15.49
C MET A 1 -32.42 -16.86 14.62
N ASP A 2 -33.63 -16.32 14.76
CA ASP A 2 -33.93 -15.02 14.16
C ASP A 2 -33.15 -13.89 14.85
N ARG A 3 -32.73 -14.13 16.10
CA ARG A 3 -31.93 -13.15 16.84
C ARG A 3 -30.53 -13.00 16.24
N LEU A 4 -29.89 -14.12 15.92
CA LEU A 4 -28.61 -14.10 15.22
C LEU A 4 -28.76 -13.52 13.81
N LYS A 5 -29.81 -13.94 13.12
CA LYS A 5 -30.20 -13.37 11.83
C LYS A 5 -30.28 -11.84 11.86
N ALA A 6 -30.97 -11.29 12.87
CA ALA A 6 -31.10 -9.85 13.01
C ALA A 6 -29.74 -9.18 13.15
N LEU A 7 -28.88 -9.78 13.98
CA LEU A 7 -27.53 -9.27 14.20
C LEU A 7 -26.69 -9.27 12.93
N VAL A 8 -26.66 -10.40 12.23
CA VAL A 8 -25.87 -10.56 11.01
C VAL A 8 -26.38 -9.64 9.88
N ASP A 9 -27.69 -9.64 9.65
CA ASP A 9 -28.29 -8.74 8.64
C ASP A 9 -27.84 -7.30 8.84
N ALA A 10 -27.92 -6.82 10.09
CA ALA A 10 -27.58 -5.44 10.44
C ALA A 10 -26.10 -5.13 10.25
N ALA A 11 -25.25 -6.12 10.49
CA ALA A 11 -23.80 -5.97 10.31
C ALA A 11 -23.43 -5.96 8.83
N VAL A 12 -24.04 -6.87 8.08
CA VAL A 12 -23.66 -7.15 6.69
C VAL A 12 -24.24 -6.15 5.69
N GLN A 13 -25.56 -6.01 5.69
CA GLN A 13 -26.23 -5.31 4.59
C GLN A 13 -25.69 -3.89 4.28
N PRO A 14 -25.53 -3.04 5.30
CA PRO A 14 -24.99 -1.71 5.01
C PRO A 14 -23.59 -1.73 4.38
N VAL A 15 -22.75 -2.67 4.82
CA VAL A 15 -21.38 -2.76 4.29
C VAL A 15 -21.38 -3.28 2.87
N MET A 16 -22.27 -4.23 2.56
CA MET A 16 -22.42 -4.70 1.18
C MET A 16 -22.83 -3.57 0.25
N LYS A 17 -23.79 -2.77 0.68
CA LYS A 17 -24.27 -1.61 -0.09
C LYS A 17 -23.17 -0.58 -0.28
N ALA A 18 -22.51 -0.19 0.82
CA ALA A 18 -21.48 0.84 0.80
C ALA A 18 -20.32 0.49 -0.12
N ASN A 19 -20.02 -0.81 -0.21
CA ASN A 19 -18.85 -1.28 -0.98
C ASN A 19 -19.22 -2.00 -2.27
N ASP A 20 -20.50 -1.93 -2.63
CA ASP A 20 -21.03 -2.56 -3.84
C ASP A 20 -20.60 -4.02 -3.98
N ILE A 21 -20.82 -4.79 -2.92
CA ILE A 21 -20.43 -6.19 -2.90
C ILE A 21 -21.52 -7.03 -3.54
N PRO A 22 -21.21 -7.74 -4.64
CA PRO A 22 -22.27 -8.52 -5.27
C PRO A 22 -22.77 -9.65 -4.38
N GLY A 23 -21.84 -10.38 -3.77
CA GLY A 23 -22.18 -11.56 -2.99
C GLY A 23 -21.28 -11.74 -1.78
N LEU A 24 -21.88 -12.17 -0.67
CA LEU A 24 -21.14 -12.32 0.58
C LEU A 24 -21.73 -13.47 1.38
N ALA A 25 -20.85 -14.39 1.80
CA ALA A 25 -21.24 -15.55 2.61
C ALA A 25 -20.69 -15.39 4.03
N VAL A 26 -21.58 -15.51 5.00
CA VAL A 26 -21.21 -15.50 6.42
C VAL A 26 -21.43 -16.90 6.97
N ALA A 27 -20.45 -17.42 7.73
CA ALA A 27 -20.64 -18.63 8.51
C ALA A 27 -20.19 -18.35 9.94
N ILE A 28 -21.05 -18.66 10.90
CA ILE A 28 -20.74 -18.44 12.32
C ILE A 28 -20.83 -19.76 13.09
N SER A 29 -19.82 -20.05 13.91
CA SER A 29 -19.84 -21.15 14.86
C SER A 29 -20.12 -20.56 16.25
N LEU A 30 -21.29 -20.88 16.80
CA LEU A 30 -21.71 -20.32 18.08
C LEU A 30 -22.14 -21.45 19.01
N LYS A 31 -21.47 -21.54 20.16
CA LYS A 31 -21.73 -22.60 21.16
C LYS A 31 -21.61 -24.01 20.59
N GLY A 32 -20.83 -24.17 19.53
CA GLY A 32 -20.66 -25.46 18.87
C GLY A 32 -21.69 -25.79 17.81
N GLU A 33 -22.42 -24.79 17.32
CA GLU A 33 -23.33 -25.01 16.21
C GLU A 33 -23.18 -23.99 15.08
N PRO A 34 -23.24 -24.45 13.82
CA PRO A 34 -23.06 -23.61 12.65
C PRO A 34 -24.31 -22.81 12.32
N HIS A 35 -24.10 -21.60 11.79
CA HIS A 35 -25.16 -20.76 11.30
C HIS A 35 -24.66 -20.09 10.04
N TYR A 36 -25.45 -20.20 8.97
CA TYR A 36 -25.07 -19.67 7.68
C TYR A 36 -26.02 -18.57 7.22
N PHE A 37 -25.43 -17.54 6.64
CA PHE A 37 -26.17 -16.43 6.03
C PHE A 37 -25.51 -16.12 4.69
N SER A 38 -26.31 -16.22 3.62
CA SER A 38 -25.78 -16.13 2.26
C SER A 38 -26.46 -15.03 1.45
N TYR A 39 -25.71 -13.97 1.16
CA TYR A 39 -26.27 -12.76 0.57
C TYR A 39 -25.85 -12.55 -0.87
N GLY A 40 -26.79 -12.14 -1.70
CA GLY A 40 -26.49 -11.68 -3.05
C GLY A 40 -26.09 -12.73 -4.06
N LEU A 41 -25.23 -12.31 -5.00
CA LEU A 41 -24.91 -13.12 -6.17
C LEU A 41 -23.45 -13.54 -6.25
N ALA A 42 -23.26 -14.81 -6.60
CA ALA A 42 -21.93 -15.37 -6.87
C ALA A 42 -21.44 -14.96 -8.25
N SER A 43 -22.39 -14.69 -9.16
CA SER A 43 -22.09 -14.16 -10.48
C SER A 43 -23.19 -13.21 -10.93
N LYS A 44 -22.81 -11.98 -11.29
CA LYS A 44 -23.76 -10.98 -11.78
C LYS A 44 -24.25 -11.34 -13.19
N GLU A 45 -23.41 -12.05 -13.93
CA GLU A 45 -23.72 -12.46 -15.31
C GLU A 45 -24.89 -13.43 -15.39
N ASP A 46 -24.84 -14.48 -14.58
CA ASP A 46 -25.86 -15.54 -14.64
C ASP A 46 -26.79 -15.57 -13.41
N GLY A 47 -26.59 -14.63 -12.49
CA GLY A 47 -27.44 -14.49 -11.32
C GLY A 47 -27.41 -15.65 -10.33
N ARG A 48 -26.41 -16.53 -10.44
CA ARG A 48 -26.24 -17.61 -9.47
C ARG A 48 -26.12 -17.02 -8.07
N ARG A 49 -26.92 -17.51 -7.14
CA ARG A 49 -26.97 -16.97 -5.79
C ARG A 49 -25.85 -17.53 -4.93
N VAL A 50 -25.40 -16.74 -3.95
CA VAL A 50 -24.46 -17.23 -2.95
C VAL A 50 -25.17 -18.21 -2.03
N THR A 51 -24.49 -19.31 -1.70
CA THR A 51 -24.93 -20.30 -0.73
C THR A 51 -23.74 -20.63 0.17
N PRO A 52 -23.95 -21.46 1.22
CA PRO A 52 -22.82 -21.84 2.07
C PRO A 52 -21.82 -22.76 1.34
N GLU A 53 -22.18 -23.19 0.14
CA GLU A 53 -21.37 -24.08 -0.71
C GLU A 53 -20.60 -23.34 -1.83
N THR A 54 -20.94 -22.08 -2.07
CA THR A 54 -20.25 -21.26 -3.07
C THR A 54 -18.75 -21.20 -2.76
N LEU A 55 -17.92 -21.38 -3.79
CA LEU A 55 -16.47 -21.28 -3.62
C LEU A 55 -15.98 -19.85 -3.86
N PHE A 56 -15.19 -19.33 -2.91
CA PHE A 56 -14.59 -18.00 -3.03
C PHE A 56 -13.07 -18.16 -2.97
N GLU A 57 -12.36 -17.21 -3.56
CA GLU A 57 -10.91 -17.11 -3.34
C GLU A 57 -10.72 -16.44 -1.99
N ILE A 58 -9.87 -17.01 -1.15
CA ILE A 58 -9.65 -16.42 0.18
C ILE A 58 -8.30 -15.72 0.33
N GLY A 59 -7.56 -15.67 -0.77
CA GLY A 59 -6.26 -15.00 -0.79
C GLY A 59 -5.41 -15.42 0.40
N SER A 60 -4.91 -14.42 1.11
CA SER A 60 -3.87 -14.60 2.14
C SER A 60 -4.36 -15.41 3.35
N VAL A 61 -5.67 -15.71 3.44
CA VAL A 61 -6.14 -16.66 4.45
C VAL A 61 -5.53 -18.05 4.23
N SER A 62 -5.14 -18.34 2.98
CA SER A 62 -4.44 -19.57 2.61
C SER A 62 -3.23 -19.83 3.50
N LYS A 63 -2.59 -18.75 3.96
CA LYS A 63 -1.44 -18.86 4.88
C LYS A 63 -1.71 -19.67 6.15
N THR A 64 -2.95 -19.69 6.62
CA THR A 64 -3.30 -20.50 7.79
C THR A 64 -3.26 -22.01 7.48
N PHE A 65 -3.68 -22.38 6.26
CA PHE A 65 -3.53 -23.75 5.78
C PHE A 65 -2.05 -24.10 5.57
N THR A 66 -1.28 -23.16 5.03
CA THR A 66 0.14 -23.38 4.81
C THR A 66 0.83 -23.64 6.15
N ALA A 67 0.46 -22.85 7.14
CA ALA A 67 1.00 -22.98 8.50
C ALA A 67 0.66 -24.34 9.11
N THR A 68 -0.50 -24.88 8.75
CA THR A 68 -0.97 -26.17 9.29
C THR A 68 -0.14 -27.30 8.71
N LEU A 69 0.18 -27.24 7.42
CA LEU A 69 1.08 -28.22 6.82
C LEU A 69 2.45 -28.19 7.51
N ALA A 70 2.96 -27.00 7.75
CA ALA A 70 4.23 -26.84 8.47
C ALA A 70 4.11 -27.39 9.88
N GLY A 71 2.97 -27.14 10.54
CA GLY A 71 2.68 -27.69 11.85
C GLY A 71 2.80 -29.20 11.83
N TYR A 72 2.28 -29.83 10.78
CA TYR A 72 2.36 -31.28 10.64
C TYR A 72 3.82 -31.74 10.49
N ALA A 73 4.59 -31.07 9.62
CA ALA A 73 5.99 -31.37 9.42
C ALA A 73 6.76 -31.31 10.74
N LEU A 74 6.45 -30.30 11.55
CA LEU A 74 7.03 -30.17 12.89
C LEU A 74 6.70 -31.38 13.77
N THR A 75 5.44 -31.81 13.77
CA THR A 75 4.97 -32.95 14.58
C THR A 75 5.62 -34.26 14.16
N GLN A 76 5.91 -34.38 12.87
CA GLN A 76 6.51 -35.58 12.31
C GLN A 76 8.03 -35.54 12.41
N ASP A 77 8.53 -34.55 13.16
CA ASP A 77 9.97 -34.30 13.38
C ASP A 77 10.78 -34.24 12.08
N LYS A 78 10.16 -33.71 11.03
CA LYS A 78 10.80 -33.57 9.71
C LYS A 78 11.54 -32.24 9.59
N MET A 79 11.13 -31.27 10.41
CA MET A 79 11.78 -29.97 10.51
C MET A 79 11.55 -29.39 11.91
N ARG A 80 12.34 -28.38 12.25
CA ARG A 80 12.17 -27.60 13.46
C ARG A 80 12.22 -26.13 13.07
N LEU A 81 11.54 -25.28 13.83
CA LEU A 81 11.41 -23.86 13.48
C LEU A 81 12.76 -23.14 13.50
N ASP A 82 13.68 -23.63 14.34
CA ASP A 82 15.04 -23.10 14.45
C ASP A 82 15.97 -23.48 13.28
N ASP A 83 15.54 -24.42 12.43
CA ASP A 83 16.34 -24.90 11.30
C ASP A 83 16.69 -23.74 10.37
N ARG A 84 17.92 -23.76 9.85
CA ARG A 84 18.32 -22.86 8.78
C ARG A 84 17.57 -23.24 7.51
N ALA A 85 17.04 -22.24 6.80
CA ALA A 85 16.23 -22.47 5.60
C ALA A 85 16.93 -23.40 4.61
N SER A 86 18.21 -23.15 4.36
CA SER A 86 18.97 -23.95 3.38
C SER A 86 19.19 -25.43 3.76
N GLN A 87 18.93 -25.81 5.02
CA GLN A 87 18.95 -27.22 5.41
C GLN A 87 17.94 -28.04 4.61
N HIS A 88 16.86 -27.37 4.20
CA HIS A 88 15.75 -28.06 3.57
C HIS A 88 15.65 -27.85 2.06
N TRP A 89 16.65 -27.19 1.49
CA TRP A 89 16.78 -27.03 0.06
C TRP A 89 18.24 -26.77 -0.26
N PRO A 90 18.99 -27.84 -0.56
CA PRO A 90 20.44 -27.74 -0.85
C PRO A 90 20.77 -26.66 -1.88
N ALA A 91 19.84 -26.42 -2.82
CA ALA A 91 20.03 -25.37 -3.83
C ALA A 91 20.28 -23.96 -3.26
N LEU A 92 19.83 -23.73 -2.02
CA LEU A 92 20.01 -22.44 -1.36
C LEU A 92 21.27 -22.37 -0.48
N GLN A 93 21.96 -23.50 -0.35
CA GLN A 93 23.19 -23.52 0.44
C GLN A 93 24.25 -22.63 -0.21
N GLY A 94 24.91 -21.83 0.63
CA GLY A 94 25.83 -20.81 0.15
C GLY A 94 25.18 -19.45 -0.04
N SER A 95 23.86 -19.38 0.09
CA SER A 95 23.15 -18.09 0.02
C SER A 95 22.91 -17.51 1.42
N ARG A 96 22.27 -16.36 1.47
CA ARG A 96 21.84 -15.75 2.73
C ARG A 96 20.89 -16.64 3.54
N PHE A 97 20.27 -17.62 2.88
CA PHE A 97 19.36 -18.52 3.59
C PHE A 97 20.08 -19.60 4.39
N ASP A 98 21.42 -19.54 4.41
CA ASP A 98 22.21 -20.26 5.40
C ASP A 98 22.02 -19.67 6.81
N GLY A 99 21.68 -18.39 6.89
CA GLY A 99 21.56 -17.70 8.17
C GLY A 99 20.16 -17.17 8.49
N ILE A 100 19.17 -17.74 7.82
CA ILE A 100 17.78 -17.37 8.03
C ILE A 100 17.01 -18.63 8.43
N SER A 101 16.27 -18.54 9.53
CA SER A 101 15.53 -19.70 10.05
C SER A 101 14.15 -19.87 9.41
N LEU A 102 13.60 -21.06 9.57
CA LEU A 102 12.24 -21.36 9.14
C LEU A 102 11.24 -20.43 9.84
N LEU A 103 11.51 -20.14 11.12
CA LEU A 103 10.65 -19.22 11.87
C LEU A 103 10.69 -17.81 11.29
N ASP A 104 11.87 -17.35 10.88
CA ASP A 104 12.01 -16.04 10.23
C ASP A 104 11.11 -15.97 8.99
N LEU A 105 11.16 -17.01 8.17
CA LEU A 105 10.37 -17.05 6.93
C LEU A 105 8.89 -17.05 7.26
N ALA A 106 8.49 -17.89 8.21
CA ALA A 106 7.09 -18.02 8.61
C ALA A 106 6.47 -16.73 9.09
N THR A 107 7.25 -15.93 9.82
CA THR A 107 6.73 -14.77 10.51
C THR A 107 7.24 -13.46 9.88
N TYR A 108 7.66 -13.54 8.62
CA TYR A 108 8.02 -12.37 7.81
C TYR A 108 9.18 -11.52 8.36
N THR A 109 10.10 -12.14 9.07
CA THR A 109 11.23 -11.42 9.65
C THR A 109 12.59 -11.83 9.07
N ALA A 110 12.60 -12.34 7.85
CA ALA A 110 13.85 -12.80 7.20
C ALA A 110 14.81 -11.64 6.91
N GLY A 111 14.26 -10.44 6.76
CA GLY A 111 15.07 -9.24 6.58
C GLY A 111 14.70 -8.40 5.37
N GLY A 112 13.42 -8.35 5.03
CA GLY A 112 12.96 -7.48 3.95
C GLY A 112 12.53 -8.15 2.66
N LEU A 113 12.26 -9.45 2.70
CA LEU A 113 11.61 -10.09 1.55
C LEU A 113 10.35 -9.28 1.23
N PRO A 114 10.14 -8.97 -0.06
CA PRO A 114 9.08 -8.03 -0.47
C PRO A 114 7.67 -8.64 -0.38
N LEU A 115 6.66 -7.77 -0.43
CA LEU A 115 5.27 -8.19 -0.35
C LEU A 115 4.98 -9.28 -1.37
N GLN A 116 5.46 -9.06 -2.60
CA GLN A 116 5.28 -10.01 -3.70
C GLN A 116 6.60 -10.33 -4.38
N PHE A 117 6.66 -11.50 -5.02
CA PHE A 117 7.70 -11.76 -6.00
C PHE A 117 7.65 -10.65 -7.05
N PRO A 118 8.82 -10.24 -7.54
CA PRO A 118 8.89 -9.33 -8.68
C PRO A 118 8.07 -9.90 -9.82
N ASP A 119 7.33 -9.03 -10.50
CA ASP A 119 6.46 -9.47 -11.60
C ASP A 119 7.22 -10.29 -12.64
N SER A 120 8.54 -10.09 -12.68
CA SER A 120 9.43 -10.81 -13.60
C SER A 120 9.72 -12.27 -13.21
N VAL A 121 9.39 -12.65 -11.98
CA VAL A 121 9.56 -14.05 -11.56
C VAL A 121 8.30 -14.84 -11.91
N GLN A 122 8.46 -15.84 -12.76
CA GLN A 122 7.34 -16.64 -13.22
C GLN A 122 7.13 -17.85 -12.31
N LYS A 123 5.99 -18.51 -12.46
CA LYS A 123 5.72 -19.74 -11.72
C LYS A 123 6.63 -20.83 -12.28
N ASP A 124 7.88 -20.84 -11.82
CA ASP A 124 8.93 -21.69 -12.35
C ASP A 124 9.97 -21.95 -11.26
N GLN A 125 10.31 -23.21 -11.03
CA GLN A 125 11.23 -23.56 -9.95
C GLN A 125 12.61 -22.89 -10.06
N ALA A 126 13.16 -22.85 -11.27
CA ALA A 126 14.49 -22.27 -11.50
C ALA A 126 14.49 -20.78 -11.17
N GLN A 127 13.47 -20.07 -11.65
CA GLN A 127 13.35 -18.63 -11.43
C GLN A 127 13.12 -18.30 -9.95
N ILE A 128 12.29 -19.11 -9.29
CA ILE A 128 12.04 -18.97 -7.84
C ILE A 128 13.35 -19.22 -7.06
N ARG A 129 14.05 -20.30 -7.40
CA ARG A 129 15.35 -20.61 -6.80
C ARG A 129 16.35 -19.46 -6.98
N ASP A 130 16.51 -19.01 -8.22
CA ASP A 130 17.43 -17.92 -8.55
C ASP A 130 17.09 -16.63 -7.85
N TYR A 131 15.79 -16.35 -7.69
CA TYR A 131 15.35 -15.18 -6.94
C TYR A 131 15.92 -15.26 -5.51
N TYR A 132 15.73 -16.41 -4.86
CA TYR A 132 16.17 -16.58 -3.47
C TYR A 132 17.69 -16.58 -3.37
N ARG A 133 18.35 -17.21 -4.34
CA ARG A 133 19.81 -17.24 -4.38
C ARG A 133 20.42 -15.84 -4.53
N GLN A 134 19.75 -14.95 -5.27
CA GLN A 134 20.29 -13.61 -5.52
C GLN A 134 19.82 -12.55 -4.50
N TRP A 135 18.85 -12.93 -3.66
CA TRP A 135 18.23 -11.97 -2.75
C TRP A 135 19.16 -11.52 -1.62
N GLN A 136 19.21 -10.21 -1.41
CA GLN A 136 20.00 -9.59 -0.34
C GLN A 136 19.13 -8.84 0.67
N PRO A 137 19.28 -9.16 1.97
CA PRO A 137 18.49 -8.57 3.05
C PRO A 137 18.66 -7.06 3.18
N THR A 138 17.55 -6.39 3.45
CA THR A 138 17.54 -4.98 3.82
C THR A 138 17.86 -4.85 5.31
N TYR A 139 17.45 -5.86 6.07
CA TYR A 139 17.60 -5.87 7.53
C TYR A 139 18.27 -7.16 8.01
N ALA A 140 18.80 -7.12 9.22
CA ALA A 140 19.29 -8.33 9.89
C ALA A 140 18.11 -9.27 10.13
N PRO A 141 18.31 -10.58 9.92
CA PRO A 141 17.29 -11.60 10.22
C PRO A 141 16.75 -11.48 11.64
N GLY A 142 15.43 -11.61 11.78
CA GLY A 142 14.76 -11.66 13.07
C GLY A 142 14.48 -10.32 13.72
N SER A 143 14.67 -9.23 12.98
CA SER A 143 14.58 -7.89 13.57
C SER A 143 13.37 -7.07 13.12
N GLN A 144 12.96 -7.21 11.86
CA GLN A 144 11.90 -6.38 11.29
C GLN A 144 10.86 -7.25 10.61
N ARG A 145 9.59 -7.04 10.96
CA ARG A 145 8.50 -7.72 10.29
C ARG A 145 8.11 -6.90 9.07
N LEU A 146 8.20 -7.52 7.90
CA LEU A 146 7.64 -6.95 6.67
C LEU A 146 6.82 -8.02 5.97
N TYR A 147 5.50 -7.86 5.99
CA TYR A 147 4.58 -8.87 5.45
C TYR A 147 4.98 -9.26 4.01
N SER A 148 5.05 -10.57 3.75
CA SER A 148 5.68 -11.06 2.52
C SER A 148 5.20 -12.41 2.03
N ASN A 149 4.66 -12.44 0.80
CA ASN A 149 4.34 -13.71 0.15
C ASN A 149 5.56 -14.60 -0.16
N PRO A 150 6.65 -14.06 -0.77
CA PRO A 150 7.84 -14.89 -0.90
C PRO A 150 8.36 -15.44 0.44
N SER A 151 8.15 -14.71 1.53
CA SER A 151 8.66 -15.19 2.83
C SER A 151 7.93 -16.44 3.31
N ILE A 152 6.63 -16.33 3.59
CA ILE A 152 5.90 -17.50 4.06
C ILE A 152 5.74 -18.54 2.92
N GLY A 153 5.78 -18.08 1.66
CA GLY A 153 5.81 -19.00 0.53
C GLY A 153 6.96 -19.99 0.65
N LEU A 154 8.16 -19.48 0.89
CA LEU A 154 9.32 -20.34 1.08
C LEU A 154 9.17 -21.27 2.29
N PHE A 155 8.60 -20.75 3.37
CA PHE A 155 8.34 -21.56 4.55
C PHE A 155 7.51 -22.78 4.20
N GLY A 156 6.39 -22.57 3.51
CA GLY A 156 5.53 -23.67 3.09
C GLY A 156 6.19 -24.65 2.14
N TYR A 157 6.92 -24.12 1.17
CA TYR A 157 7.66 -24.91 0.18
C TYR A 157 8.69 -25.80 0.87
N LEU A 158 9.38 -25.23 1.85
CA LEU A 158 10.42 -25.96 2.58
C LEU A 158 9.80 -27.02 3.49
N ALA A 159 8.65 -26.71 4.10
CA ALA A 159 7.88 -27.70 4.83
C ALA A 159 7.51 -28.90 3.96
N ALA A 160 7.03 -28.60 2.75
CA ALA A 160 6.73 -29.65 1.78
C ALA A 160 7.98 -30.49 1.47
N ARG A 161 9.08 -29.85 1.12
CA ARG A 161 10.34 -30.55 0.87
C ARG A 161 10.74 -31.46 2.04
N SER A 162 10.60 -30.95 3.27
CA SER A 162 10.94 -31.73 4.48
C SER A 162 10.10 -33.01 4.60
N LEU A 163 8.90 -32.98 4.04
CA LEU A 163 8.00 -34.13 4.02
C LEU A 163 8.19 -35.00 2.77
N GLY A 164 9.02 -34.53 1.85
CA GLY A 164 9.41 -35.30 0.66
C GLY A 164 8.40 -35.32 -0.48
N GLN A 165 7.45 -34.37 -0.48
CA GLN A 165 6.44 -34.30 -1.55
C GLN A 165 6.18 -32.85 -1.98
N PRO A 166 5.62 -32.65 -3.20
CA PRO A 166 5.19 -31.31 -3.59
C PRO A 166 4.17 -30.75 -2.60
N PHE A 167 4.19 -29.44 -2.44
CA PHE A 167 3.28 -28.74 -1.54
C PHE A 167 1.82 -29.00 -1.91
N GLU A 168 1.52 -28.95 -3.21
CA GLU A 168 0.17 -29.17 -3.71
C GLU A 168 -0.39 -30.55 -3.37
N ARG A 169 0.45 -31.58 -3.52
CA ARG A 169 0.05 -32.96 -3.21
C ARG A 169 -0.23 -33.15 -1.71
N LEU A 170 0.66 -32.62 -0.88
CA LEU A 170 0.46 -32.71 0.56
C LEU A 170 -0.84 -32.04 1.00
N MET A 171 -1.11 -30.87 0.45
CA MET A 171 -2.33 -30.14 0.81
C MET A 171 -3.58 -30.90 0.40
N GLU A 172 -3.62 -31.35 -0.85
CA GLU A 172 -4.76 -32.07 -1.40
C GLU A 172 -4.97 -33.49 -0.83
N GLN A 173 -3.89 -34.26 -0.67
CA GLN A 173 -4.02 -35.65 -0.24
C GLN A 173 -4.08 -35.82 1.27
N GLN A 174 -3.37 -34.95 1.99
CA GLN A 174 -3.22 -35.11 3.43
C GLN A 174 -3.83 -34.01 4.29
N VAL A 175 -3.51 -32.75 4.01
CA VAL A 175 -3.96 -31.65 4.89
C VAL A 175 -5.46 -31.40 4.85
N PHE A 176 -6.02 -31.18 3.67
CA PHE A 176 -7.46 -30.91 3.58
C PHE A 176 -8.32 -32.07 4.11
N PRO A 177 -8.05 -33.31 3.65
CA PRO A 177 -8.86 -34.43 4.19
C PRO A 177 -8.71 -34.58 5.70
N ALA A 178 -7.50 -34.39 6.22
CA ALA A 178 -7.27 -34.50 7.67
C ALA A 178 -8.07 -33.50 8.47
N LEU A 179 -8.37 -32.34 7.89
CA LEU A 179 -9.16 -31.32 8.55
C LEU A 179 -10.66 -31.54 8.34
N GLY A 180 -11.00 -32.59 7.60
CA GLY A 180 -12.38 -32.96 7.33
C GLY A 180 -12.98 -32.14 6.21
N LEU A 181 -12.12 -31.60 5.36
CA LEU A 181 -12.53 -30.70 4.29
C LEU A 181 -12.57 -31.41 2.95
N GLU A 182 -13.64 -31.17 2.19
CA GLU A 182 -13.80 -31.78 0.86
C GLU A 182 -14.14 -30.76 -0.23
N GLN A 183 -14.44 -29.52 0.18
CA GLN A 183 -14.75 -28.39 -0.72
C GLN A 183 -13.68 -27.31 -0.62
N THR A 184 -12.45 -27.74 -0.37
CA THR A 184 -11.33 -26.81 -0.23
C THR A 184 -10.25 -27.25 -1.20
N HIS A 185 -9.81 -26.31 -2.03
CA HIS A 185 -8.96 -26.65 -3.18
C HIS A 185 -7.91 -25.59 -3.44
N LEU A 186 -6.76 -26.04 -3.94
CA LEU A 186 -5.76 -25.12 -4.50
C LEU A 186 -6.08 -24.84 -5.96
N ASP A 187 -6.60 -25.87 -6.63
CA ASP A 187 -7.13 -25.76 -8.00
C ASP A 187 -8.50 -26.40 -7.99
N VAL A 188 -9.51 -25.62 -8.36
CA VAL A 188 -10.88 -26.11 -8.30
C VAL A 188 -11.11 -27.17 -9.39
N PRO A 189 -11.58 -28.37 -8.99
CA PRO A 189 -11.81 -29.44 -9.96
C PRO A 189 -12.97 -29.12 -10.90
N GLU A 190 -12.93 -29.71 -12.09
CA GLU A 190 -13.96 -29.51 -13.10
C GLU A 190 -15.38 -29.70 -12.53
N ALA A 191 -15.53 -30.76 -11.74
CA ALA A 191 -16.80 -31.12 -11.10
C ALA A 191 -17.36 -30.02 -10.20
N ALA A 192 -16.50 -29.16 -9.66
CA ALA A 192 -16.90 -28.11 -8.72
C ALA A 192 -16.94 -26.68 -9.28
N LEU A 193 -16.55 -26.51 -10.54
CA LEU A 193 -16.45 -25.17 -11.14
C LEU A 193 -17.75 -24.37 -11.13
N ALA A 194 -18.88 -25.07 -11.24
CA ALA A 194 -20.21 -24.44 -11.19
C ALA A 194 -20.48 -23.73 -9.87
N GLN A 195 -19.66 -24.03 -8.86
CA GLN A 195 -19.76 -23.41 -7.52
C GLN A 195 -18.84 -22.21 -7.34
N TYR A 196 -17.84 -22.09 -8.22
CA TYR A 196 -16.83 -21.04 -8.14
C TYR A 196 -17.44 -19.68 -8.49
N ALA A 197 -17.48 -18.79 -7.49
CA ALA A 197 -18.00 -17.44 -7.70
C ALA A 197 -17.12 -16.67 -8.68
N GLN A 198 -17.74 -15.75 -9.39
CA GLN A 198 -17.00 -14.74 -10.15
C GLN A 198 -16.52 -13.66 -9.19
N GLY A 199 -15.29 -13.21 -9.36
CA GLY A 199 -14.79 -12.07 -8.61
C GLY A 199 -15.00 -10.76 -9.34
N TYR A 200 -15.05 -9.66 -8.61
CA TYR A 200 -15.26 -8.34 -9.21
C TYR A 200 -14.23 -7.34 -8.72
N GLY A 201 -13.51 -6.75 -9.68
CA GLY A 201 -12.34 -5.97 -9.37
C GLY A 201 -12.58 -4.54 -8.97
N LYS A 202 -11.49 -3.79 -8.88
CA LYS A 202 -11.49 -2.37 -8.58
C LYS A 202 -12.39 -1.61 -9.57
N ASP A 203 -12.33 -2.01 -10.83
CA ASP A 203 -13.06 -1.36 -11.92
C ASP A 203 -14.33 -2.14 -12.31
N ASP A 204 -14.72 -3.10 -11.48
CA ASP A 204 -15.95 -3.91 -11.65
C ASP A 204 -15.86 -4.97 -12.76
N ARG A 205 -14.64 -5.26 -13.24
CA ARG A 205 -14.44 -6.32 -14.22
C ARG A 205 -14.51 -7.71 -13.56
N PRO A 206 -15.05 -8.72 -14.28
CA PRO A 206 -15.06 -10.09 -13.73
C PRO A 206 -13.65 -10.67 -13.71
N LEU A 207 -13.19 -11.07 -12.52
CA LEU A 207 -11.81 -11.46 -12.31
C LEU A 207 -11.66 -12.70 -11.46
N ARG A 208 -10.80 -13.62 -11.90
CA ARG A 208 -10.35 -14.75 -11.08
C ARG A 208 -8.84 -14.77 -10.99
N VAL A 209 -8.32 -15.24 -9.86
CA VAL A 209 -6.88 -15.21 -9.64
C VAL A 209 -6.14 -16.11 -10.64
N GLY A 210 -5.05 -15.58 -11.17
CA GLY A 210 -4.23 -16.33 -12.09
C GLY A 210 -2.97 -16.89 -11.46
N PRO A 211 -2.26 -17.78 -12.18
CA PRO A 211 -1.10 -18.43 -11.59
C PRO A 211 0.06 -17.47 -11.29
N GLY A 212 0.80 -17.76 -10.23
CA GLY A 212 1.99 -17.00 -9.85
C GLY A 212 2.95 -17.87 -9.05
N PRO A 213 4.20 -17.42 -8.89
CA PRO A 213 5.16 -18.19 -8.10
C PRO A 213 4.73 -18.33 -6.64
N LEU A 214 4.76 -19.57 -6.15
CA LEU A 214 4.34 -19.92 -4.79
C LEU A 214 2.92 -19.44 -4.44
N ASP A 215 2.04 -19.43 -5.45
CA ASP A 215 0.65 -19.01 -5.22
C ASP A 215 -0.11 -19.94 -4.26
N ALA A 216 0.11 -21.24 -4.37
CA ALA A 216 -0.57 -22.21 -3.50
C ALA A 216 -0.27 -21.89 -2.04
N GLU A 217 1.02 -21.68 -1.75
CA GLU A 217 1.49 -21.38 -0.39
C GLU A 217 0.98 -20.06 0.19
N GLY A 218 0.89 -19.04 -0.67
CA GLY A 218 0.61 -17.69 -0.21
C GLY A 218 -0.83 -17.23 -0.24
N TYR A 219 -1.56 -17.62 -1.29
CA TYR A 219 -2.88 -17.03 -1.53
C TYR A 219 -3.81 -17.84 -2.42
N GLY A 220 -3.49 -19.12 -2.63
CA GLY A 220 -4.17 -19.90 -3.67
C GLY A 220 -5.43 -20.70 -3.32
N VAL A 221 -5.87 -20.69 -2.06
CA VAL A 221 -6.98 -21.56 -1.65
C VAL A 221 -8.34 -21.00 -2.08
N LYS A 222 -9.18 -21.88 -2.60
CA LYS A 222 -10.59 -21.58 -2.85
C LYS A 222 -11.40 -22.50 -1.99
N THR A 223 -12.41 -21.95 -1.32
CA THR A 223 -13.20 -22.72 -0.38
C THR A 223 -14.58 -22.11 -0.19
N SER A 224 -15.49 -22.87 0.41
CA SER A 224 -16.80 -22.34 0.76
C SER A 224 -16.84 -21.80 2.18
N ALA A 225 -17.87 -21.01 2.49
CA ALA A 225 -18.08 -20.54 3.86
C ALA A 225 -18.21 -21.75 4.80
N ALA A 226 -18.95 -22.76 4.36
CA ALA A 226 -19.19 -23.97 5.16
C ALA A 226 -17.89 -24.72 5.44
N ASP A 227 -17.09 -24.93 4.41
CA ASP A 227 -15.83 -25.64 4.60
C ASP A 227 -14.84 -24.81 5.43
N LEU A 228 -14.83 -23.49 5.22
CA LEU A 228 -13.90 -22.67 6.00
C LEU A 228 -14.29 -22.60 7.49
N LEU A 229 -15.60 -22.65 7.77
CA LEU A 229 -16.04 -22.73 9.16
C LEU A 229 -15.66 -24.09 9.77
N ARG A 230 -15.70 -25.14 8.96
CA ARG A 230 -15.25 -26.46 9.40
C ARG A 230 -13.78 -26.37 9.83
N PHE A 231 -12.98 -25.62 9.07
CA PHE A 231 -11.60 -25.36 9.44
C PHE A 231 -11.50 -24.58 10.74
N VAL A 232 -12.34 -23.57 10.89
CA VAL A 232 -12.36 -22.74 12.11
C VAL A 232 -12.71 -23.63 13.30
N ASP A 233 -13.69 -24.50 13.11
CA ASP A 233 -14.10 -25.42 14.16
C ASP A 233 -12.99 -26.40 14.56
N ALA A 234 -12.19 -26.83 13.59
CA ALA A 234 -11.02 -27.65 13.86
C ALA A 234 -10.03 -26.88 14.73
N ASN A 235 -9.87 -25.58 14.42
CA ASN A 235 -8.99 -24.69 15.19
C ASN A 235 -9.49 -24.46 16.62
N LEU A 236 -10.81 -24.40 16.81
CA LEU A 236 -11.39 -24.22 18.14
C LEU A 236 -11.27 -25.47 19.02
N HIS A 237 -11.31 -26.63 18.38
CA HIS A 237 -11.17 -27.90 19.09
C HIS A 237 -10.25 -28.84 18.32
N PRO A 238 -8.93 -28.63 18.42
CA PRO A 238 -7.96 -29.46 17.70
C PRO A 238 -8.06 -30.95 18.05
N GLU A 239 -8.37 -31.24 19.30
CA GLU A 239 -8.58 -32.62 19.77
C GLU A 239 -9.61 -33.42 18.96
N ARG A 240 -10.30 -32.74 18.04
CA ARG A 240 -11.32 -33.34 17.16
C ARG A 240 -10.74 -34.02 15.89
N LEU A 241 -9.43 -33.92 15.71
CA LEU A 241 -8.74 -34.56 14.59
C LEU A 241 -7.81 -35.67 15.09
N ASP A 242 -7.18 -36.40 14.16
CA ASP A 242 -6.14 -37.37 14.53
C ASP A 242 -5.07 -36.64 15.31
N ARG A 243 -4.47 -37.35 16.26
CA ARG A 243 -3.41 -36.79 17.11
C ARG A 243 -2.39 -35.91 16.35
N PRO A 244 -1.76 -36.44 15.27
CA PRO A 244 -0.74 -35.58 14.65
C PRO A 244 -1.31 -34.27 14.08
N TRP A 245 -2.57 -34.29 13.66
CA TRP A 245 -3.20 -33.09 13.09
C TRP A 245 -3.71 -32.13 14.15
N ALA A 246 -4.16 -32.67 15.28
CA ALA A 246 -4.42 -31.86 16.48
C ALA A 246 -3.14 -31.08 16.85
N GLN A 247 -2.01 -31.78 16.90
CA GLN A 247 -0.73 -31.15 17.21
C GLN A 247 -0.33 -30.15 16.13
N ALA A 248 -0.66 -30.44 14.88
CA ALA A 248 -0.35 -29.55 13.76
C ALA A 248 -1.09 -28.23 13.94
N LEU A 249 -2.36 -28.31 14.33
CA LEU A 249 -3.17 -27.12 14.59
C LEU A 249 -2.67 -26.33 15.78
N ASP A 250 -2.34 -27.03 16.86
CA ASP A 250 -1.77 -26.40 18.06
C ASP A 250 -0.52 -25.58 17.70
N ALA A 251 0.28 -26.08 16.76
CA ALA A 251 1.51 -25.40 16.33
C ALA A 251 1.23 -24.04 15.70
N THR A 252 0.03 -23.87 15.13
CA THR A 252 -0.36 -22.60 14.53
C THR A 252 -0.98 -21.64 15.54
N HIS A 253 -1.09 -22.07 16.80
CA HIS A 253 -1.65 -21.26 17.87
C HIS A 253 -0.57 -20.88 18.90
N ARG A 254 0.60 -20.54 18.41
CA ARG A 254 1.74 -20.16 19.28
C ARG A 254 2.29 -18.83 18.80
N GLY A 255 2.37 -17.84 19.69
CA GLY A 255 2.82 -16.50 19.33
C GLY A 255 4.29 -16.30 19.62
N TYR A 256 4.98 -15.60 18.71
CA TYR A 256 6.45 -15.51 18.77
C TYR A 256 6.95 -14.10 19.06
N TYR A 257 6.17 -13.12 18.66
CA TYR A 257 6.47 -11.71 18.90
C TYR A 257 5.23 -10.84 18.79
N LYS A 258 5.35 -9.60 19.28
CA LYS A 258 4.31 -8.60 19.16
C LYS A 258 4.72 -7.43 18.27
N VAL A 259 3.74 -6.90 17.53
CA VAL A 259 3.83 -5.62 16.85
C VAL A 259 2.56 -4.85 17.21
N GLY A 260 2.72 -3.71 17.87
CA GLY A 260 1.56 -3.00 18.44
C GLY A 260 0.75 -3.91 19.33
N ASP A 261 -0.53 -4.07 18.99
CA ASP A 261 -1.45 -4.94 19.73
C ASP A 261 -1.47 -6.39 19.23
N MET A 262 -0.75 -6.66 18.15
CA MET A 262 -0.85 -7.95 17.45
C MET A 262 0.28 -8.89 17.85
N THR A 263 -0.08 -10.13 18.16
CA THR A 263 0.89 -11.18 18.45
C THR A 263 0.95 -12.11 17.24
N GLN A 264 2.14 -12.29 16.68
CA GLN A 264 2.29 -13.03 15.44
C GLN A 264 2.45 -14.52 15.68
N GLY A 265 1.54 -15.30 15.09
CA GLY A 265 1.68 -16.77 15.07
C GLY A 265 2.12 -17.30 13.71
N LEU A 266 1.99 -18.60 13.49
CA LEU A 266 2.19 -19.16 12.16
C LEU A 266 0.86 -19.03 11.42
N GLY A 267 0.83 -18.14 10.44
CA GLY A 267 -0.42 -17.78 9.74
C GLY A 267 -1.30 -16.85 10.56
N TRP A 268 -1.80 -17.38 11.68
CA TRP A 268 -2.69 -16.63 12.57
C TRP A 268 -2.05 -15.42 13.24
N GLU A 269 -2.84 -14.35 13.34
CA GLU A 269 -2.46 -13.14 14.07
C GLU A 269 -3.47 -12.92 15.21
N ALA A 270 -2.97 -12.66 16.41
CA ALA A 270 -3.79 -12.66 17.63
C ALA A 270 -3.85 -11.32 18.39
N TYR A 271 -4.95 -11.13 19.11
CA TYR A 271 -5.19 -9.92 19.89
C TYR A 271 -5.87 -10.34 21.17
N ASP A 272 -5.72 -9.54 22.23
CA ASP A 272 -6.61 -9.71 23.37
C ASP A 272 -8.05 -9.53 22.94
N TRP A 273 -8.95 -10.20 23.64
CA TRP A 273 -10.37 -10.03 23.40
C TRP A 273 -11.08 -9.90 24.74
N PRO A 274 -11.84 -8.81 24.95
CA PRO A 274 -12.18 -7.79 23.96
C PRO A 274 -11.06 -6.78 23.66
N ILE A 275 -11.18 -6.14 22.51
CA ILE A 275 -10.31 -5.04 22.11
C ILE A 275 -11.20 -4.06 21.35
N SER A 276 -10.82 -2.79 21.31
CA SER A 276 -11.59 -1.79 20.57
C SER A 276 -11.59 -2.08 19.07
N LEU A 277 -12.69 -1.72 18.41
CA LEU A 277 -12.77 -1.76 16.95
C LEU A 277 -11.60 -1.01 16.30
N LYS A 278 -11.29 0.19 16.82
CA LYS A 278 -10.21 1.02 16.28
C LYS A 278 -8.86 0.29 16.33
N ARG A 279 -8.54 -0.33 17.46
CA ARG A 279 -7.29 -1.06 17.59
C ARG A 279 -7.24 -2.31 16.72
N LEU A 280 -8.36 -3.01 16.60
CA LEU A 280 -8.40 -4.21 15.76
C LEU A 280 -8.25 -3.81 14.30
N GLN A 281 -8.83 -2.67 13.93
CA GLN A 281 -8.69 -2.16 12.57
C GLN A 281 -7.25 -1.75 12.25
N ALA A 282 -6.56 -1.14 13.22
CA ALA A 282 -5.16 -0.75 13.05
C ALA A 282 -4.28 -1.97 12.84
N GLY A 283 -4.60 -3.07 13.53
CA GLY A 283 -3.82 -4.30 13.42
C GLY A 283 -3.90 -4.90 12.03
N ASN A 284 -5.03 -4.63 11.36
CA ASN A 284 -5.30 -5.16 10.04
C ASN A 284 -5.21 -4.06 8.98
N SER A 285 -4.40 -3.04 9.26
CA SER A 285 -4.36 -1.84 8.41
C SER A 285 -3.30 -1.94 7.32
N THR A 286 -3.29 -0.95 6.44
CA THR A 286 -2.34 -0.92 5.34
C THR A 286 -0.88 -0.75 5.82
N PRO A 287 -0.63 0.16 6.79
CA PRO A 287 0.73 0.24 7.32
C PRO A 287 1.24 -1.07 7.95
N MET A 288 0.34 -1.88 8.49
CA MET A 288 0.75 -3.21 8.97
C MET A 288 1.26 -4.11 7.86
N ALA A 289 0.62 -4.07 6.70
CA ALA A 289 1.04 -4.86 5.57
C ALA A 289 2.23 -4.27 4.79
N LEU A 290 2.40 -2.95 4.84
CA LEU A 290 3.41 -2.30 3.97
C LEU A 290 4.63 -1.67 4.64
N GLN A 291 4.54 -1.36 5.93
CA GLN A 291 5.68 -0.81 6.68
C GLN A 291 6.46 -1.91 7.38
N PRO A 292 7.79 -1.77 7.44
CA PRO A 292 8.55 -2.60 8.37
C PRO A 292 8.31 -2.13 9.80
N HIS A 293 8.19 -3.10 10.70
CA HIS A 293 8.05 -2.83 12.13
C HIS A 293 9.07 -3.63 12.90
N ARG A 294 9.77 -2.96 13.80
CA ARG A 294 10.62 -3.63 14.76
C ARG A 294 9.72 -4.51 15.61
N ILE A 295 10.11 -5.76 15.79
CA ILE A 295 9.31 -6.69 16.56
C ILE A 295 9.68 -6.62 18.05
N ALA A 296 8.74 -6.98 18.91
CA ALA A 296 9.05 -7.21 20.32
C ALA A 296 8.93 -8.71 20.58
N ARG A 297 10.08 -9.40 20.62
CA ARG A 297 10.11 -10.85 20.71
C ARG A 297 9.70 -11.34 22.11
N LEU A 298 8.89 -12.39 22.14
CA LEU A 298 8.45 -12.97 23.40
C LEU A 298 9.53 -13.90 23.95
N PRO A 299 9.73 -13.90 25.29
CA PRO A 299 10.77 -14.73 25.92
C PRO A 299 10.63 -16.23 25.64
N ALA A 300 9.39 -16.68 25.42
CA ALA A 300 9.07 -18.06 25.06
C ALA A 300 7.82 -18.00 24.19
N PRO A 301 7.53 -19.06 23.42
CA PRO A 301 6.30 -19.03 22.61
C PRO A 301 5.05 -18.99 23.47
N GLN A 302 4.11 -18.13 23.12
CA GLN A 302 2.90 -17.94 23.90
C GLN A 302 1.71 -18.69 23.30
N ALA A 303 1.04 -19.51 24.11
CA ALA A 303 -0.12 -20.25 23.64
C ALA A 303 -1.26 -19.26 23.36
N LEU A 304 -1.77 -19.28 22.13
CA LEU A 304 -2.78 -18.33 21.71
C LEU A 304 -4.16 -18.90 21.96
N GLU A 305 -4.54 -18.91 23.23
CA GLU A 305 -5.81 -19.48 23.65
C GLU A 305 -6.51 -18.54 24.63
N GLY A 306 -7.59 -19.02 25.24
CA GLY A 306 -8.36 -18.20 26.19
C GLY A 306 -8.97 -16.98 25.55
N GLN A 307 -8.89 -15.84 26.25
CA GLN A 307 -9.62 -14.64 25.82
C GLN A 307 -8.85 -13.85 24.79
N ARG A 308 -8.73 -14.43 23.60
CA ARG A 308 -7.97 -13.85 22.51
C ARG A 308 -8.77 -13.99 21.22
N LEU A 309 -8.52 -13.07 20.30
CA LEU A 309 -9.11 -13.17 18.96
C LEU A 309 -7.99 -13.52 18.00
N LEU A 310 -8.09 -14.69 17.36
CA LEU A 310 -7.15 -15.04 16.31
C LEU A 310 -7.83 -14.77 14.98
N ASN A 311 -7.11 -14.15 14.05
CA ASN A 311 -7.70 -13.76 12.76
C ASN A 311 -6.74 -13.81 11.60
N LYS A 312 -7.29 -13.80 10.39
CA LYS A 312 -6.52 -13.58 9.18
C LYS A 312 -7.39 -12.96 8.10
N THR A 313 -6.86 -11.91 7.47
CA THR A 313 -7.46 -11.29 6.29
C THR A 313 -6.82 -11.84 5.03
N GLY A 314 -7.58 -11.80 3.93
CA GLY A 314 -7.06 -12.24 2.64
C GLY A 314 -7.82 -11.62 1.49
N SER A 315 -7.10 -11.28 0.42
CA SER A 315 -7.72 -10.68 -0.78
C SER A 315 -7.10 -11.20 -2.06
N THR A 316 -7.87 -11.11 -3.14
CA THR A 316 -7.33 -11.21 -4.50
C THR A 316 -7.90 -10.02 -5.27
N ASN A 317 -7.58 -9.87 -6.55
CA ASN A 317 -8.10 -8.72 -7.30
C ASN A 317 -9.64 -8.63 -7.25
N GLY A 318 -10.29 -9.78 -7.11
CA GLY A 318 -11.74 -9.85 -7.15
C GLY A 318 -12.45 -10.35 -5.89
N PHE A 319 -11.69 -10.63 -4.83
CA PHE A 319 -12.26 -11.27 -3.61
C PHE A 319 -11.72 -10.65 -2.31
N GLY A 320 -12.53 -10.72 -1.25
CA GLY A 320 -12.14 -10.24 0.08
C GLY A 320 -12.65 -11.18 1.15
N ALA A 321 -11.72 -11.74 1.95
CA ALA A 321 -12.07 -12.75 2.94
C ALA A 321 -11.60 -12.32 4.32
N TYR A 322 -12.30 -12.78 5.34
CA TYR A 322 -11.86 -12.56 6.74
C TYR A 322 -12.32 -13.73 7.59
N VAL A 323 -11.43 -14.23 8.46
CA VAL A 323 -11.75 -15.33 9.35
C VAL A 323 -11.26 -14.95 10.74
N ALA A 324 -12.04 -15.28 11.77
CA ALA A 324 -11.64 -14.99 13.15
C ALA A 324 -12.26 -16.00 14.10
N PHE A 325 -11.56 -16.28 15.21
CA PHE A 325 -12.15 -17.10 16.24
C PHE A 325 -11.65 -16.70 17.63
N VAL A 326 -12.46 -17.01 18.64
CA VAL A 326 -12.11 -16.73 20.03
C VAL A 326 -12.10 -18.05 20.79
N PRO A 327 -10.90 -18.63 21.00
CA PRO A 327 -10.79 -19.93 21.64
C PRO A 327 -11.55 -20.02 22.96
N GLY A 328 -11.35 -19.06 23.85
CA GLY A 328 -11.91 -19.10 25.21
C GLY A 328 -13.41 -18.88 25.28
N ARG A 329 -14.02 -18.55 24.15
CA ARG A 329 -15.45 -18.29 24.09
C ARG A 329 -16.15 -19.19 23.08
N ASP A 330 -15.38 -20.11 22.50
CA ASP A 330 -15.87 -21.06 21.51
C ASP A 330 -16.68 -20.35 20.42
N LEU A 331 -16.12 -19.27 19.90
CA LEU A 331 -16.78 -18.50 18.85
C LEU A 331 -15.95 -18.52 17.57
N GLY A 332 -16.61 -18.73 16.43
CA GLY A 332 -15.91 -18.74 15.14
C GLY A 332 -16.68 -18.00 14.08
N LEU A 333 -15.95 -17.30 13.19
CA LEU A 333 -16.58 -16.48 12.16
C LEU A 333 -15.85 -16.52 10.82
N VAL A 334 -16.60 -16.69 9.73
CA VAL A 334 -16.10 -16.61 8.36
C VAL A 334 -16.93 -15.56 7.60
N ILE A 335 -16.24 -14.65 6.90
CA ILE A 335 -16.90 -13.70 5.99
C ILE A 335 -16.16 -13.72 4.65
N LEU A 336 -16.84 -14.20 3.61
CA LEU A 336 -16.25 -14.29 2.25
C LEU A 336 -17.05 -13.43 1.28
N ALA A 337 -16.36 -12.61 0.49
CA ALA A 337 -17.02 -11.77 -0.50
C ALA A 337 -16.33 -11.86 -1.85
N ASN A 338 -17.11 -11.66 -2.92
CA ASN A 338 -16.56 -11.58 -4.26
C ASN A 338 -16.33 -10.13 -4.73
N ARG A 339 -15.88 -9.27 -3.82
CA ARG A 339 -15.25 -7.99 -4.18
C ARG A 339 -14.12 -7.73 -3.18
N ASN A 340 -13.00 -7.21 -3.66
CA ASN A 340 -11.90 -6.87 -2.75
C ASN A 340 -12.20 -5.52 -2.11
N TYR A 341 -12.93 -5.56 -1.00
CA TYR A 341 -13.30 -4.36 -0.27
C TYR A 341 -12.37 -4.17 0.94
N PRO A 342 -12.29 -2.94 1.49
CA PRO A 342 -11.23 -2.65 2.46
C PRO A 342 -11.20 -3.54 3.70
N ASN A 343 -9.99 -3.91 4.12
CA ASN A 343 -9.80 -4.62 5.40
C ASN A 343 -10.63 -4.04 6.56
N ALA A 344 -10.63 -2.72 6.69
CA ALA A 344 -11.38 -2.04 7.77
C ALA A 344 -12.87 -2.36 7.73
N GLU A 345 -13.42 -2.48 6.53
CA GLU A 345 -14.83 -2.81 6.34
C GLU A 345 -15.15 -4.24 6.74
N ARG A 346 -14.23 -5.16 6.43
CA ARG A 346 -14.39 -6.56 6.81
C ARG A 346 -14.40 -6.68 8.31
N VAL A 347 -13.45 -6.00 8.94
CA VAL A 347 -13.35 -5.97 10.40
C VAL A 347 -14.62 -5.35 11.02
N LYS A 348 -15.16 -4.30 10.38
CA LYS A 348 -16.41 -3.68 10.83
C LYS A 348 -17.55 -4.70 10.89
N ILE A 349 -17.72 -5.49 9.83
CA ILE A 349 -18.73 -6.56 9.87
C ILE A 349 -18.47 -7.54 11.00
N ALA A 350 -17.24 -8.04 11.06
CA ALA A 350 -16.87 -9.08 12.02
C ALA A 350 -17.03 -8.60 13.46
N TYR A 351 -16.57 -7.38 13.73
CA TYR A 351 -16.66 -6.80 15.06
C TYR A 351 -18.12 -6.66 15.54
N ALA A 352 -18.97 -6.21 14.64
CA ALA A 352 -20.41 -6.03 14.93
C ALA A 352 -21.05 -7.37 15.31
N ILE A 353 -20.69 -8.42 14.58
CA ILE A 353 -21.20 -9.77 14.89
C ILE A 353 -20.64 -10.33 16.20
N LEU A 354 -19.32 -10.30 16.34
CA LEU A 354 -18.66 -10.84 17.52
C LEU A 354 -19.03 -10.12 18.82
N SER A 355 -19.22 -8.81 18.75
CA SER A 355 -19.62 -8.02 19.91
C SER A 355 -21.04 -8.36 20.39
N GLY A 356 -21.86 -8.89 19.50
CA GLY A 356 -23.25 -9.25 19.83
C GLY A 356 -23.44 -10.69 20.25
N LEU A 357 -22.34 -11.44 20.34
CA LEU A 357 -22.36 -12.84 20.77
C LEU A 357 -21.74 -12.98 22.17
N MET B 1 24.23 -6.14 -6.19
CA MET B 1 23.74 -4.74 -6.36
C MET B 1 24.87 -3.75 -6.63
N ASP B 2 26.12 -4.27 -6.66
CA ASP B 2 27.28 -3.43 -6.95
C ASP B 2 27.22 -2.78 -8.34
N ARG B 3 26.46 -3.39 -9.25
CA ARG B 3 26.22 -2.78 -10.56
C ARG B 3 25.33 -1.54 -10.45
N LEU B 4 24.22 -1.66 -9.72
CA LEU B 4 23.38 -0.49 -9.47
C LEU B 4 24.13 0.56 -8.66
N LYS B 5 24.86 0.12 -7.64
CA LYS B 5 25.74 0.97 -6.84
C LYS B 5 26.68 1.82 -7.72
N ALA B 6 27.35 1.19 -8.68
CA ALA B 6 28.31 1.90 -9.54
C ALA B 6 27.63 2.95 -10.42
N LEU B 7 26.43 2.61 -10.92
CA LEU B 7 25.62 3.50 -11.73
C LEU B 7 25.19 4.74 -10.93
N VAL B 8 24.69 4.51 -9.73
CA VAL B 8 24.19 5.60 -8.89
C VAL B 8 25.34 6.50 -8.41
N ASP B 9 26.42 5.88 -7.93
CA ASP B 9 27.64 6.63 -7.56
C ASP B 9 28.05 7.56 -8.70
N ALA B 10 28.18 7.01 -9.91
CA ALA B 10 28.61 7.78 -11.09
C ALA B 10 27.66 8.92 -11.46
N ALA B 11 26.36 8.72 -11.21
CA ALA B 11 25.34 9.75 -11.50
C ALA B 11 25.34 10.84 -10.45
N VAL B 12 25.48 10.45 -9.18
CA VAL B 12 25.25 11.34 -8.05
C VAL B 12 26.46 12.20 -7.73
N GLN B 13 27.60 11.55 -7.52
CA GLN B 13 28.76 12.25 -6.94
C GLN B 13 29.24 13.49 -7.70
N PRO B 14 29.36 13.44 -9.05
CA PRO B 14 29.76 14.65 -9.76
C PRO B 14 28.80 15.81 -9.56
N VAL B 15 27.51 15.52 -9.47
CA VAL B 15 26.50 16.55 -9.31
C VAL B 15 26.47 17.10 -7.89
N MET B 16 26.66 16.24 -6.89
CA MET B 16 26.80 16.67 -5.50
C MET B 16 27.98 17.61 -5.35
N LYS B 17 29.11 17.24 -5.95
CA LYS B 17 30.31 18.07 -5.94
C LYS B 17 30.09 19.42 -6.63
N ALA B 18 29.57 19.40 -7.86
CA ALA B 18 29.39 20.62 -8.65
C ALA B 18 28.41 21.60 -8.02
N ASN B 19 27.46 21.07 -7.26
CA ASN B 19 26.41 21.89 -6.64
C ASN B 19 26.55 22.06 -5.14
N ASP B 20 27.69 21.65 -4.60
CA ASP B 20 28.00 21.71 -3.17
C ASP B 20 26.81 21.21 -2.34
N ILE B 21 26.31 20.02 -2.67
CA ILE B 21 25.18 19.44 -1.96
C ILE B 21 25.68 18.69 -0.73
N PRO B 22 25.31 19.16 0.49
CA PRO B 22 25.82 18.49 1.69
C PRO B 22 25.37 17.03 1.83
N GLY B 23 24.08 16.79 1.57
CA GLY B 23 23.48 15.47 1.77
C GLY B 23 22.45 15.19 0.69
N LEU B 24 22.40 13.92 0.27
CA LEU B 24 21.52 13.50 -0.80
C LEU B 24 21.18 12.04 -0.62
N ALA B 25 19.88 11.74 -0.53
CA ALA B 25 19.39 10.36 -0.44
C ALA B 25 18.75 9.95 -1.75
N VAL B 26 19.17 8.79 -2.26
CA VAL B 26 18.52 8.18 -3.43
C VAL B 26 17.80 6.91 -2.96
N ALA B 27 16.60 6.71 -3.49
CA ALA B 27 15.88 5.46 -3.29
C ALA B 27 15.40 5.04 -4.67
N ILE B 28 15.70 3.80 -5.04
CA ILE B 28 15.28 3.28 -6.34
C ILE B 28 14.45 2.01 -6.12
N SER B 29 13.35 1.91 -6.86
CA SER B 29 12.56 0.71 -6.91
C SER B 29 12.78 0.05 -8.26
N LEU B 30 13.34 -1.16 -8.24
CA LEU B 30 13.77 -1.87 -9.43
C LEU B 30 13.36 -3.32 -9.33
N LYS B 31 12.64 -3.80 -10.34
CA LYS B 31 12.21 -5.21 -10.36
C LYS B 31 11.62 -5.57 -9.00
N GLY B 32 10.70 -4.73 -8.53
CA GLY B 32 9.96 -4.95 -7.29
C GLY B 32 10.72 -4.92 -5.98
N GLU B 33 11.93 -4.33 -5.96
CA GLU B 33 12.74 -4.31 -4.74
C GLU B 33 13.39 -2.94 -4.51
N PRO B 34 13.45 -2.47 -3.24
CA PRO B 34 14.06 -1.17 -2.96
C PRO B 34 15.59 -1.21 -2.86
N HIS B 35 16.24 -0.14 -3.31
CA HIS B 35 17.68 0.04 -3.20
C HIS B 35 17.95 1.45 -2.70
N TYR B 36 18.75 1.58 -1.65
CA TYR B 36 19.01 2.88 -1.06
C TYR B 36 20.49 3.27 -1.14
N PHE B 37 20.73 4.54 -1.41
CA PHE B 37 22.08 5.11 -1.45
C PHE B 37 22.04 6.45 -0.74
N SER B 38 22.85 6.58 0.32
CA SER B 38 22.72 7.73 1.22
C SER B 38 24.04 8.46 1.38
N TYR B 39 24.13 9.63 0.75
CA TYR B 39 25.35 10.37 0.60
C TYR B 39 25.42 11.59 1.51
N GLY B 40 26.57 11.78 2.14
CA GLY B 40 26.87 13.03 2.80
C GLY B 40 26.19 13.25 4.13
N LEU B 41 25.93 14.53 4.43
CA LEU B 41 25.48 14.93 5.75
C LEU B 41 24.10 15.59 5.75
N ALA B 42 23.26 15.12 6.67
CA ALA B 42 21.95 15.70 6.94
C ALA B 42 22.11 17.05 7.64
N SER B 43 23.18 17.19 8.43
CA SER B 43 23.53 18.43 9.09
C SER B 43 25.05 18.60 9.11
N LYS B 44 25.51 19.73 8.61
CA LYS B 44 26.94 20.03 8.55
C LYS B 44 27.50 20.37 9.94
N GLU B 45 26.69 21.02 10.77
CA GLU B 45 27.13 21.40 12.12
C GLU B 45 27.43 20.22 13.05
N ASP B 46 26.53 19.25 13.14
CA ASP B 46 26.73 18.11 14.04
C ASP B 46 27.16 16.81 13.33
N GLY B 47 27.27 16.88 12.01
CA GLY B 47 27.78 15.76 11.21
C GLY B 47 26.91 14.53 11.12
N ARG B 48 25.63 14.64 11.46
CA ARG B 48 24.68 13.54 11.28
C ARG B 48 24.67 13.12 9.81
N ARG B 49 24.80 11.82 9.56
CA ARG B 49 24.86 11.31 8.18
C ARG B 49 23.47 11.16 7.62
N VAL B 50 23.36 11.25 6.29
CA VAL B 50 22.12 10.95 5.58
C VAL B 50 21.89 9.44 5.61
N THR B 51 20.66 9.03 5.90
CA THR B 51 20.26 7.64 5.84
C THR B 51 18.95 7.58 5.06
N PRO B 52 18.44 6.37 4.77
CA PRO B 52 17.15 6.27 4.07
C PRO B 52 15.98 6.76 4.93
N GLU B 53 16.27 7.06 6.20
CA GLU B 53 15.26 7.50 7.16
C GLU B 53 15.33 9.01 7.46
N THR B 54 16.37 9.68 6.95
CA THR B 54 16.47 11.14 7.05
C THR B 54 15.26 11.85 6.45
N LEU B 55 14.70 12.80 7.19
CA LEU B 55 13.57 13.58 6.70
C LEU B 55 14.02 14.81 5.90
N PHE B 56 13.51 14.94 4.68
CA PHE B 56 13.81 16.11 3.83
C PHE B 56 12.49 16.82 3.52
N GLU B 57 12.59 18.13 3.25
CA GLU B 57 11.47 18.89 2.69
C GLU B 57 11.39 18.57 1.20
N ILE B 58 10.21 18.19 0.73
CA ILE B 58 10.08 17.87 -0.70
C ILE B 58 9.41 18.98 -1.50
N GLY B 59 9.00 20.05 -0.82
CA GLY B 59 8.40 21.19 -1.51
C GLY B 59 7.24 20.77 -2.38
N SER B 60 7.28 21.20 -3.64
CA SER B 60 6.16 21.03 -4.60
C SER B 60 5.85 19.56 -4.93
N VAL B 61 6.72 18.62 -4.55
CA VAL B 61 6.37 17.20 -4.71
C VAL B 61 5.11 16.92 -3.88
N SER B 62 4.87 17.74 -2.85
CA SER B 62 3.69 17.65 -2.00
C SER B 62 2.37 17.66 -2.77
N LYS B 63 2.38 18.32 -3.92
CA LYS B 63 1.21 18.38 -4.81
C LYS B 63 0.69 17.00 -5.25
N THR B 64 1.57 16.00 -5.31
CA THR B 64 1.12 14.63 -5.63
C THR B 64 0.31 14.02 -4.49
N PHE B 65 0.69 14.31 -3.24
CA PHE B 65 -0.09 13.89 -2.08
C PHE B 65 -1.43 14.63 -2.04
N THR B 66 -1.41 15.92 -2.36
CA THR B 66 -2.63 16.74 -2.37
C THR B 66 -3.60 16.19 -3.42
N ALA B 67 -3.05 15.85 -4.59
CA ALA B 67 -3.83 15.24 -5.67
C ALA B 67 -4.45 13.91 -5.23
N THR B 68 -3.71 13.16 -4.41
CA THR B 68 -4.21 11.87 -3.91
C THR B 68 -5.45 12.05 -3.03
N LEU B 69 -5.43 13.06 -2.17
CA LEU B 69 -6.59 13.35 -1.34
C LEU B 69 -7.78 13.70 -2.23
N ALA B 70 -7.55 14.53 -3.23
CA ALA B 70 -8.64 14.93 -4.12
C ALA B 70 -9.16 13.72 -4.88
N GLY B 71 -8.26 12.80 -5.25
CA GLY B 71 -8.63 11.54 -5.89
C GLY B 71 -9.58 10.72 -5.02
N TYR B 72 -9.29 10.69 -3.73
CA TYR B 72 -10.13 9.98 -2.77
C TYR B 72 -11.53 10.60 -2.71
N ALA B 73 -11.58 11.94 -2.58
CA ALA B 73 -12.84 12.66 -2.55
C ALA B 73 -13.74 12.30 -3.74
N LEU B 74 -13.13 12.14 -4.91
CA LEU B 74 -13.84 11.67 -6.12
C LEU B 74 -14.43 10.27 -5.93
N THR B 75 -13.61 9.34 -5.44
CA THR B 75 -14.05 7.95 -5.24
C THR B 75 -15.19 7.85 -4.23
N GLN B 76 -15.25 8.83 -3.32
CA GLN B 76 -16.30 8.87 -2.32
C GLN B 76 -17.52 9.65 -2.80
N ASP B 77 -17.48 10.06 -4.06
CA ASP B 77 -18.53 10.91 -4.68
C ASP B 77 -18.83 12.21 -3.90
N LYS B 78 -17.79 12.80 -3.31
CA LYS B 78 -17.95 14.03 -2.51
C LYS B 78 -17.76 15.30 -3.34
N MET B 79 -17.09 15.13 -4.48
CA MET B 79 -16.86 16.20 -5.45
C MET B 79 -16.61 15.56 -6.81
N ARG B 80 -16.68 16.38 -7.85
CA ARG B 80 -16.39 15.97 -9.22
C ARG B 80 -15.52 17.06 -9.86
N LEU B 81 -14.66 16.67 -10.78
CA LEU B 81 -13.70 17.60 -11.35
C LEU B 81 -14.33 18.77 -12.12
N ASP B 82 -15.52 18.56 -12.70
CA ASP B 82 -16.23 19.63 -13.40
C ASP B 82 -17.03 20.56 -12.47
N ASP B 83 -17.01 20.29 -11.17
CA ASP B 83 -17.71 21.14 -10.20
C ASP B 83 -17.16 22.56 -10.24
N ARG B 84 -18.06 23.52 -10.10
CA ARG B 84 -17.69 24.90 -9.88
C ARG B 84 -17.01 24.95 -8.51
N ALA B 85 -15.91 25.68 -8.43
CA ALA B 85 -15.13 25.77 -7.18
C ALA B 85 -15.98 26.21 -6.00
N SER B 86 -16.82 27.24 -6.22
CA SER B 86 -17.64 27.81 -5.16
C SER B 86 -18.76 26.87 -4.66
N GLN B 87 -19.01 25.78 -5.38
CA GLN B 87 -19.93 24.74 -4.88
C GLN B 87 -19.45 24.21 -3.53
N HIS B 88 -18.14 24.23 -3.32
CA HIS B 88 -17.53 23.59 -2.17
C HIS B 88 -17.01 24.55 -1.11
N TRP B 89 -17.31 25.84 -1.29
CA TRP B 89 -16.99 26.87 -0.30
C TRP B 89 -17.94 28.06 -0.47
N PRO B 90 -19.05 28.08 0.31
CA PRO B 90 -20.09 29.10 0.20
C PRO B 90 -19.55 30.52 0.20
N ALA B 91 -18.46 30.74 0.94
CA ALA B 91 -17.81 32.05 1.02
C ALA B 91 -17.34 32.60 -0.34
N LEU B 92 -17.11 31.70 -1.30
CA LEU B 92 -16.69 32.07 -2.66
C LEU B 92 -17.84 32.20 -3.64
N GLN B 93 -19.06 31.92 -3.20
CA GLN B 93 -20.21 32.06 -4.08
C GLN B 93 -20.39 33.53 -4.43
N GLY B 94 -20.63 33.80 -5.71
CA GLY B 94 -20.72 35.17 -6.20
C GLY B 94 -19.42 35.74 -6.73
N SER B 95 -18.30 35.07 -6.45
CA SER B 95 -16.99 35.50 -6.95
C SER B 95 -16.72 34.86 -8.31
N ARG B 96 -15.54 35.11 -8.87
CA ARG B 96 -15.17 34.51 -10.15
C ARG B 96 -15.07 32.97 -10.09
N PHE B 97 -15.01 32.43 -8.88
CA PHE B 97 -14.92 30.98 -8.69
C PHE B 97 -16.26 30.25 -8.87
N ASP B 98 -17.31 31.02 -9.19
CA ASP B 98 -18.56 30.46 -9.67
C ASP B 98 -18.36 29.85 -11.07
N GLY B 99 -17.36 30.34 -11.80
CA GLY B 99 -17.15 29.94 -13.20
C GLY B 99 -15.83 29.25 -13.48
N ILE B 100 -15.09 28.92 -12.40
CA ILE B 100 -13.84 28.17 -12.45
C ILE B 100 -14.10 26.79 -11.85
N SER B 101 -13.66 25.74 -12.55
CA SER B 101 -13.87 24.38 -12.08
C SER B 101 -12.72 23.87 -11.21
N LEU B 102 -12.98 22.77 -10.51
CA LEU B 102 -11.96 22.10 -9.70
C LEU B 102 -10.80 21.64 -10.58
N LEU B 103 -11.12 21.15 -11.78
CA LEU B 103 -10.09 20.73 -12.71
C LEU B 103 -9.19 21.91 -13.12
N ASP B 104 -9.78 23.08 -13.34
CA ASP B 104 -9.01 24.29 -13.68
C ASP B 104 -8.00 24.59 -12.58
N LEU B 105 -8.46 24.50 -11.33
CA LEU B 105 -7.60 24.80 -10.18
C LEU B 105 -6.46 23.78 -10.04
N ALA B 106 -6.81 22.51 -10.19
CA ALA B 106 -5.86 21.41 -10.05
C ALA B 106 -4.73 21.50 -11.06
N THR B 107 -5.05 21.99 -12.25
CA THR B 107 -4.12 21.97 -13.37
C THR B 107 -3.63 23.37 -13.79
N TYR B 108 -3.81 24.35 -12.90
CA TYR B 108 -3.23 25.69 -13.04
C TYR B 108 -3.79 26.50 -14.22
N THR B 109 -5.04 26.20 -14.60
CA THR B 109 -5.66 26.87 -15.75
C THR B 109 -6.90 27.71 -15.36
N ALA B 110 -6.88 28.23 -14.13
CA ALA B 110 -7.97 29.05 -13.61
C ALA B 110 -8.07 30.43 -14.26
N GLY B 111 -6.93 30.94 -14.75
CA GLY B 111 -6.89 32.22 -15.45
C GLY B 111 -5.84 33.17 -14.91
N GLY B 112 -4.71 32.62 -14.49
CA GLY B 112 -3.58 33.42 -14.06
C GLY B 112 -3.38 33.62 -12.58
N LEU B 113 -3.90 32.70 -11.76
CA LEU B 113 -3.50 32.68 -10.35
C LEU B 113 -1.96 32.61 -10.31
N PRO B 114 -1.33 33.45 -9.47
CA PRO B 114 0.13 33.60 -9.47
C PRO B 114 0.88 32.39 -8.90
N LEU B 115 2.21 32.39 -9.06
CA LEU B 115 3.07 31.34 -8.52
C LEU B 115 2.87 31.17 -7.01
N GLN B 116 2.93 32.28 -6.29
CA GLN B 116 2.70 32.31 -4.85
C GLN B 116 1.54 33.25 -4.51
N PHE B 117 1.00 33.10 -3.30
CA PHE B 117 0.12 34.11 -2.72
C PHE B 117 0.89 35.41 -2.60
N PRO B 118 0.22 36.56 -2.80
CA PRO B 118 0.81 37.83 -2.44
C PRO B 118 1.51 37.75 -1.08
N ASP B 119 2.64 38.44 -0.97
CA ASP B 119 3.43 38.43 0.25
C ASP B 119 2.61 38.91 1.47
N SER B 120 1.57 39.71 1.22
CA SER B 120 0.73 40.25 2.28
C SER B 120 -0.32 39.26 2.82
N VAL B 121 -0.56 38.16 2.11
CA VAL B 121 -1.49 37.13 2.58
C VAL B 121 -0.81 36.20 3.58
N GLN B 122 -1.17 36.34 4.85
CA GLN B 122 -0.62 35.48 5.91
C GLN B 122 -1.34 34.14 5.96
N LYS B 123 -0.80 33.22 6.77
CA LYS B 123 -1.44 31.91 6.98
C LYS B 123 -2.66 32.11 7.87
N ASP B 124 -3.78 32.44 7.23
CA ASP B 124 -4.97 32.92 7.92
C ASP B 124 -6.20 32.71 7.05
N GLN B 125 -7.20 32.03 7.60
CA GLN B 125 -8.41 31.69 6.85
C GLN B 125 -9.08 32.91 6.19
N ALA B 126 -9.26 33.98 6.96
CA ALA B 126 -9.93 35.19 6.46
C ALA B 126 -9.15 35.85 5.32
N GLN B 127 -7.83 35.97 5.46
CA GLN B 127 -7.00 36.57 4.42
C GLN B 127 -6.94 35.74 3.13
N ILE B 128 -6.91 34.41 3.28
CA ILE B 128 -6.94 33.50 2.13
C ILE B 128 -8.29 33.60 1.44
N ARG B 129 -9.37 33.52 2.22
CA ARG B 129 -10.72 33.68 1.68
C ARG B 129 -10.87 35.01 0.92
N ASP B 130 -10.47 36.10 1.56
CA ASP B 130 -10.58 37.43 0.97
C ASP B 130 -9.81 37.54 -0.35
N TYR B 131 -8.61 36.96 -0.37
CA TYR B 131 -7.79 36.93 -1.58
C TYR B 131 -8.54 36.33 -2.78
N TYR B 132 -9.15 35.17 -2.57
CA TYR B 132 -9.88 34.49 -3.63
C TYR B 132 -11.15 35.26 -3.99
N ARG B 133 -11.82 35.83 -2.99
CA ARG B 133 -13.02 36.63 -3.21
C ARG B 133 -12.75 37.81 -4.14
N GLN B 134 -11.61 38.47 -3.95
CA GLN B 134 -11.26 39.67 -4.73
C GLN B 134 -10.49 39.40 -6.03
N TRP B 135 -10.00 38.18 -6.21
CA TRP B 135 -9.09 37.87 -7.31
C TRP B 135 -9.71 38.07 -8.70
N GLN B 136 -9.00 38.84 -9.52
CA GLN B 136 -9.41 39.14 -10.88
C GLN B 136 -8.52 38.38 -11.88
N PRO B 137 -9.13 37.52 -12.70
CA PRO B 137 -8.39 36.71 -13.67
C PRO B 137 -7.71 37.52 -14.76
N THR B 138 -6.64 36.97 -15.33
CA THR B 138 -5.96 37.54 -16.49
C THR B 138 -6.46 36.86 -17.78
N TYR B 139 -6.96 35.62 -17.66
CA TYR B 139 -7.44 34.83 -18.80
C TYR B 139 -8.77 34.13 -18.51
N ALA B 140 -9.44 33.67 -19.57
CA ALA B 140 -10.62 32.83 -19.46
C ALA B 140 -10.23 31.44 -18.94
N PRO B 141 -11.08 30.83 -18.08
CA PRO B 141 -10.73 29.53 -17.49
C PRO B 141 -10.51 28.44 -18.52
N GLY B 142 -9.43 27.68 -18.34
CA GLY B 142 -9.15 26.49 -19.14
C GLY B 142 -8.38 26.74 -20.43
N SER B 143 -7.65 27.85 -20.49
CA SER B 143 -6.90 28.21 -21.70
C SER B 143 -5.39 28.41 -21.49
N GLN B 144 -4.98 28.89 -20.32
CA GLN B 144 -3.58 29.18 -20.03
C GLN B 144 -3.08 28.51 -18.75
N ARG B 145 -2.07 27.65 -18.88
CA ARG B 145 -1.40 27.07 -17.72
C ARG B 145 -0.38 28.03 -17.15
N LEU B 146 -0.59 28.41 -15.89
CA LEU B 146 0.40 29.17 -15.17
C LEU B 146 0.63 28.51 -13.82
N TYR B 147 1.76 27.83 -13.66
CA TYR B 147 2.05 27.06 -12.45
C TYR B 147 1.79 27.89 -11.21
N SER B 148 0.97 27.36 -10.29
CA SER B 148 0.46 28.17 -9.19
C SER B 148 0.17 27.41 -7.88
N ASN B 149 0.81 27.84 -6.80
CA ASN B 149 0.49 27.33 -5.47
C ASN B 149 -0.93 27.70 -5.00
N PRO B 150 -1.36 28.97 -5.15
CA PRO B 150 -2.77 29.28 -4.85
C PRO B 150 -3.82 28.47 -5.64
N SER B 151 -3.48 28.06 -6.86
CA SER B 151 -4.40 27.30 -7.70
C SER B 151 -4.63 25.88 -7.17
N ILE B 152 -3.58 25.08 -7.12
CA ILE B 152 -3.72 23.72 -6.61
C ILE B 152 -3.95 23.70 -5.08
N GLY B 153 -3.45 24.72 -4.38
CA GLY B 153 -3.74 24.90 -2.96
C GLY B 153 -5.24 24.94 -2.71
N LEU B 154 -5.95 25.77 -3.48
CA LEU B 154 -7.41 25.85 -3.36
C LEU B 154 -8.07 24.52 -3.71
N PHE B 155 -7.61 23.88 -4.78
CA PHE B 155 -8.07 22.54 -5.15
C PHE B 155 -8.02 21.59 -3.96
N GLY B 156 -6.89 21.59 -3.26
CA GLY B 156 -6.70 20.71 -2.10
C GLY B 156 -7.60 21.09 -0.94
N TYR B 157 -7.68 22.40 -0.70
CA TYR B 157 -8.53 22.89 0.38
C TYR B 157 -10.00 22.55 0.10
N LEU B 158 -10.44 22.70 -1.15
CA LEU B 158 -11.81 22.37 -1.51
C LEU B 158 -12.09 20.86 -1.42
N ALA B 159 -11.12 20.03 -1.79
CA ALA B 159 -11.24 18.58 -1.58
C ALA B 159 -11.45 18.25 -0.10
N ALA B 160 -10.66 18.89 0.75
CA ALA B 160 -10.80 18.73 2.19
C ALA B 160 -12.21 19.13 2.64
N ARG B 161 -12.63 20.34 2.26
CA ARG B 161 -14.00 20.79 2.54
C ARG B 161 -15.08 19.80 2.10
N SER B 162 -14.92 19.24 0.89
CA SER B 162 -15.89 18.26 0.37
C SER B 162 -15.96 16.99 1.24
N LEU B 163 -14.87 16.69 1.93
CA LEU B 163 -14.82 15.56 2.86
C LEU B 163 -15.18 15.95 4.29
N GLY B 164 -15.38 17.24 4.50
CA GLY B 164 -15.92 17.76 5.77
C GLY B 164 -14.93 17.84 6.92
N GLN B 165 -13.63 17.86 6.60
CA GLN B 165 -12.58 17.95 7.62
C GLN B 165 -11.44 18.85 7.15
N PRO B 166 -10.61 19.37 8.09
CA PRO B 166 -9.44 20.13 7.66
C PRO B 166 -8.49 19.29 6.81
N PHE B 167 -7.83 19.94 5.87
CA PHE B 167 -6.88 19.29 4.97
C PHE B 167 -5.81 18.52 5.75
N GLU B 168 -5.23 19.19 6.73
CA GLU B 168 -4.17 18.62 7.56
C GLU B 168 -4.61 17.34 8.27
N ARG B 169 -5.80 17.35 8.84
CA ARG B 169 -6.35 16.16 9.50
C ARG B 169 -6.52 14.99 8.54
N LEU B 170 -7.12 15.26 7.38
CA LEU B 170 -7.31 14.21 6.40
C LEU B 170 -5.99 13.63 5.92
N MET B 171 -5.00 14.49 5.69
CA MET B 171 -3.69 13.99 5.28
C MET B 171 -3.05 13.11 6.34
N GLU B 172 -3.04 13.60 7.59
CA GLU B 172 -2.39 12.87 8.69
C GLU B 172 -3.13 11.61 9.13
N GLN B 173 -4.46 11.67 9.21
CA GLN B 173 -5.25 10.54 9.71
C GLN B 173 -5.64 9.53 8.63
N GLN B 174 -5.90 10.00 7.42
CA GLN B 174 -6.41 9.10 6.38
C GLN B 174 -5.41 8.83 5.26
N VAL B 175 -4.89 9.89 4.63
CA VAL B 175 -4.09 9.74 3.41
C VAL B 175 -2.74 9.03 3.65
N PHE B 176 -1.91 9.58 4.53
CA PHE B 176 -0.61 8.97 4.75
C PHE B 176 -0.72 7.47 5.15
N PRO B 177 -1.54 7.15 6.17
CA PRO B 177 -1.73 5.73 6.55
C PRO B 177 -2.24 4.83 5.42
N ALA B 178 -3.21 5.32 4.65
CA ALA B 178 -3.77 4.51 3.57
C ALA B 178 -2.74 4.18 2.50
N LEU B 179 -1.70 5.00 2.40
CA LEU B 179 -0.63 4.82 1.42
C LEU B 179 0.46 3.88 1.91
N GLY B 180 0.35 3.48 3.17
CA GLY B 180 1.34 2.62 3.82
C GLY B 180 2.49 3.41 4.39
N LEU B 181 2.27 4.71 4.64
CA LEU B 181 3.34 5.60 5.10
C LEU B 181 3.23 5.90 6.58
N GLU B 182 4.37 6.00 7.25
CA GLU B 182 4.41 6.30 8.68
C GLU B 182 5.48 7.33 9.06
N GLN B 183 6.37 7.65 8.13
CA GLN B 183 7.43 8.65 8.31
C GLN B 183 7.19 9.90 7.44
N THR B 184 5.94 10.12 7.04
CA THR B 184 5.60 11.22 6.12
C THR B 184 4.66 12.18 6.85
N HIS B 185 5.01 13.46 6.89
CA HIS B 185 4.27 14.44 7.70
C HIS B 185 4.16 15.83 7.07
N LEU B 186 3.11 16.54 7.47
CA LEU B 186 2.99 17.96 7.17
C LEU B 186 3.71 18.80 8.22
N ASP B 187 3.73 18.29 9.45
CA ASP B 187 4.46 18.91 10.55
C ASP B 187 5.19 17.78 11.24
N VAL B 188 6.52 17.87 11.28
CA VAL B 188 7.32 16.76 11.81
C VAL B 188 7.10 16.67 13.33
N PRO B 189 6.70 15.49 13.82
CA PRO B 189 6.47 15.37 15.26
C PRO B 189 7.76 15.49 16.07
N GLU B 190 7.62 15.86 17.34
CA GLU B 190 8.77 16.04 18.20
C GLU B 190 9.68 14.81 18.20
N ALA B 191 9.06 13.63 18.29
CA ALA B 191 9.76 12.35 18.34
C ALA B 191 10.66 12.07 17.13
N ALA B 192 10.33 12.67 15.98
CA ALA B 192 11.07 12.43 14.73
C ALA B 192 11.97 13.59 14.31
N LEU B 193 11.93 14.70 15.05
CA LEU B 193 12.74 15.88 14.75
C LEU B 193 14.24 15.64 14.61
N ALA B 194 14.77 14.66 15.34
CA ALA B 194 16.20 14.32 15.23
C ALA B 194 16.56 13.76 13.84
N GLN B 195 15.54 13.37 13.08
CA GLN B 195 15.74 12.86 11.72
C GLN B 195 15.66 13.97 10.67
N TYR B 196 15.15 15.13 11.05
CA TYR B 196 14.92 16.25 10.14
C TYR B 196 16.26 16.85 9.72
N ALA B 197 16.60 16.72 8.44
CA ALA B 197 17.82 17.34 7.92
C ALA B 197 17.75 18.86 8.03
N GLN B 198 18.93 19.47 8.14
CA GLN B 198 19.06 20.90 7.94
C GLN B 198 19.13 21.22 6.47
N GLY B 199 18.41 22.26 6.06
CA GLY B 199 18.50 22.79 4.71
C GLY B 199 19.60 23.84 4.61
N TYR B 200 20.14 24.00 3.42
CA TYR B 200 21.22 24.95 3.17
C TYR B 200 20.87 25.81 1.98
N GLY B 201 20.80 27.12 2.21
CA GLY B 201 20.28 28.05 1.21
C GLY B 201 21.29 28.52 0.18
N LYS B 202 20.85 29.48 -0.63
CA LYS B 202 21.71 30.14 -1.61
C LYS B 202 23.02 30.63 -0.98
N ASP B 203 22.93 31.22 0.22
CA ASP B 203 24.09 31.78 0.92
C ASP B 203 24.72 30.84 1.95
N ASP B 204 24.38 29.55 1.87
CA ASP B 204 24.96 28.50 2.74
C ASP B 204 24.50 28.57 4.21
N ARG B 205 23.45 29.36 4.47
CA ARG B 205 22.89 29.45 5.82
C ARG B 205 21.91 28.31 6.06
N PRO B 206 21.89 27.77 7.30
CA PRO B 206 20.92 26.70 7.61
C PRO B 206 19.49 27.21 7.56
N LEU B 207 18.62 26.47 6.89
CA LEU B 207 17.26 26.91 6.63
C LEU B 207 16.25 25.78 6.72
N ARG B 208 15.11 26.08 7.33
CA ARG B 208 13.95 25.20 7.27
C ARG B 208 12.73 26.01 6.88
N VAL B 209 11.80 25.38 6.18
CA VAL B 209 10.62 26.07 5.62
C VAL B 209 9.75 26.64 6.74
N GLY B 210 9.33 27.88 6.55
CA GLY B 210 8.45 28.58 7.48
C GLY B 210 7.01 28.50 7.02
N PRO B 211 6.06 28.82 7.91
CA PRO B 211 4.64 28.73 7.56
C PRO B 211 4.18 29.75 6.51
N GLY B 212 3.17 29.36 5.74
CA GLY B 212 2.54 30.25 4.79
C GLY B 212 1.15 29.75 4.45
N PRO B 213 0.34 30.60 3.79
CA PRO B 213 -1.02 30.26 3.36
C PRO B 213 -1.04 29.06 2.41
N LEU B 214 -1.85 28.07 2.78
CA LEU B 214 -1.97 26.79 2.08
C LEU B 214 -0.62 26.09 1.82
N ASP B 215 0.30 26.22 2.78
CA ASP B 215 1.60 25.58 2.67
C ASP B 215 1.46 24.05 2.58
N ALA B 216 0.56 23.50 3.40
CA ALA B 216 0.36 22.06 3.47
C ALA B 216 0.00 21.46 2.11
N GLU B 217 -0.93 22.11 1.43
CA GLU B 217 -1.44 21.71 0.11
C GLU B 217 -0.40 21.83 -1.01
N GLY B 218 0.40 22.90 -0.96
CA GLY B 218 1.31 23.23 -2.05
C GLY B 218 2.73 22.68 -1.93
N TYR B 219 3.28 22.70 -0.73
CA TYR B 219 4.71 22.44 -0.58
C TYR B 219 5.17 21.97 0.81
N GLY B 220 4.24 21.51 1.64
CA GLY B 220 4.54 21.30 3.07
C GLY B 220 4.95 19.92 3.56
N VAL B 221 5.09 18.94 2.67
CA VAL B 221 5.39 17.58 3.12
C VAL B 221 6.87 17.41 3.45
N LYS B 222 7.15 16.78 4.59
CA LYS B 222 8.49 16.29 4.90
C LYS B 222 8.45 14.77 4.96
N THR B 223 9.46 14.12 4.37
CA THR B 223 9.47 12.67 4.34
C THR B 223 10.88 12.15 4.14
N SER B 224 11.05 10.85 4.31
CA SER B 224 12.34 10.18 4.06
C SER B 224 12.39 9.63 2.63
N ALA B 225 13.60 9.30 2.16
CA ALA B 225 13.73 8.59 0.88
C ALA B 225 13.00 7.26 0.91
N ALA B 226 13.09 6.56 2.04
CA ALA B 226 12.44 5.24 2.17
C ALA B 226 10.92 5.37 2.08
N ASP B 227 10.36 6.36 2.76
CA ASP B 227 8.90 6.52 2.75
C ASP B 227 8.43 7.06 1.40
N LEU B 228 9.20 7.96 0.80
CA LEU B 228 8.81 8.52 -0.50
C LEU B 228 8.83 7.46 -1.59
N LEU B 229 9.79 6.54 -1.52
CA LEU B 229 9.78 5.40 -2.44
C LEU B 229 8.58 4.48 -2.17
N ARG B 230 8.19 4.33 -0.91
CA ARG B 230 6.97 3.56 -0.62
C ARG B 230 5.77 4.18 -1.35
N PHE B 231 5.71 5.51 -1.36
CA PHE B 231 4.69 6.23 -2.11
C PHE B 231 4.80 5.98 -3.61
N VAL B 232 6.02 6.02 -4.13
CA VAL B 232 6.24 5.70 -5.54
C VAL B 232 5.79 4.28 -5.85
N ASP B 233 6.11 3.33 -4.96
CA ASP B 233 5.67 1.95 -5.16
C ASP B 233 4.14 1.78 -5.16
N ALA B 234 3.46 2.56 -4.32
CA ALA B 234 1.99 2.58 -4.34
C ALA B 234 1.48 3.12 -5.68
N ASN B 235 2.15 4.15 -6.22
CA ASN B 235 1.83 4.67 -7.55
C ASN B 235 2.06 3.64 -8.65
N LEU B 236 3.12 2.86 -8.52
CA LEU B 236 3.43 1.79 -9.48
C LEU B 236 2.44 0.62 -9.38
N HIS B 237 2.01 0.31 -8.16
CA HIS B 237 1.10 -0.78 -7.92
C HIS B 237 -0.02 -0.36 -6.97
N PRO B 238 -1.02 0.38 -7.47
CA PRO B 238 -2.08 0.87 -6.59
C PRO B 238 -2.84 -0.25 -5.91
N GLU B 239 -2.70 -1.48 -6.44
CA GLU B 239 -3.26 -2.68 -5.80
C GLU B 239 -2.63 -3.09 -4.47
N ARG B 240 -1.57 -2.42 -4.03
CA ARG B 240 -1.09 -2.66 -2.67
C ARG B 240 -2.01 -2.01 -1.61
N LEU B 241 -2.95 -1.19 -2.07
CA LEU B 241 -3.84 -0.42 -1.19
C LEU B 241 -5.29 -0.88 -1.26
N ASP B 242 -6.11 -0.42 -0.31
CA ASP B 242 -7.55 -0.65 -0.37
C ASP B 242 -8.16 0.01 -1.60
N ARG B 243 -9.28 -0.55 -2.06
CA ARG B 243 -9.92 -0.15 -3.31
C ARG B 243 -10.04 1.37 -3.49
N PRO B 244 -10.66 2.09 -2.53
CA PRO B 244 -10.85 3.51 -2.80
C PRO B 244 -9.54 4.30 -2.91
N TRP B 245 -8.50 3.87 -2.20
CA TRP B 245 -7.20 4.52 -2.28
C TRP B 245 -6.45 4.15 -3.54
N ALA B 246 -6.64 2.91 -4.02
CA ALA B 246 -6.13 2.51 -5.33
C ALA B 246 -6.74 3.42 -6.39
N GLN B 247 -8.07 3.58 -6.33
CA GLN B 247 -8.79 4.44 -7.27
C GLN B 247 -8.36 5.89 -7.15
N ALA B 248 -8.06 6.33 -5.92
CA ALA B 248 -7.55 7.68 -5.66
C ALA B 248 -6.23 7.91 -6.41
N LEU B 249 -5.32 6.95 -6.32
CA LEU B 249 -4.05 7.03 -7.02
C LEU B 249 -4.24 7.00 -8.52
N ASP B 250 -5.14 6.13 -9.00
CA ASP B 250 -5.51 6.05 -10.41
C ASP B 250 -5.94 7.43 -10.93
N ALA B 251 -6.70 8.17 -10.11
CA ALA B 251 -7.19 9.50 -10.50
C ALA B 251 -6.07 10.52 -10.69
N THR B 252 -4.92 10.29 -10.05
CA THR B 252 -3.75 11.15 -10.26
C THR B 252 -2.90 10.72 -11.47
N HIS B 253 -3.32 9.66 -12.16
CA HIS B 253 -2.62 9.14 -13.33
C HIS B 253 -3.47 9.34 -14.59
N ARG B 254 -4.15 10.49 -14.66
CA ARG B 254 -4.97 10.83 -15.81
C ARG B 254 -4.54 12.20 -16.34
N GLY B 255 -4.22 12.25 -17.63
CA GLY B 255 -3.77 13.48 -18.28
C GLY B 255 -4.89 14.24 -18.97
N TYR B 256 -4.85 15.57 -18.86
CA TYR B 256 -5.94 16.44 -19.32
C TYR B 256 -5.57 17.37 -20.48
N TYR B 257 -4.28 17.68 -20.61
CA TYR B 257 -3.78 18.53 -21.70
C TYR B 257 -2.27 18.41 -21.83
N LYS B 258 -1.74 18.95 -22.94
CA LYS B 258 -0.31 18.99 -23.19
C LYS B 258 0.21 20.42 -23.22
N VAL B 259 1.43 20.61 -22.72
CA VAL B 259 2.24 21.81 -22.97
C VAL B 259 3.59 21.29 -23.44
N GLY B 260 3.94 21.58 -24.68
CA GLY B 260 5.12 20.96 -25.31
C GLY B 260 5.06 19.44 -25.21
N ASP B 261 6.10 18.85 -24.63
CA ASP B 261 6.18 17.39 -24.47
C ASP B 261 5.51 16.86 -23.19
N MET B 262 5.03 17.78 -22.35
CA MET B 262 4.50 17.39 -21.02
C MET B 262 2.98 17.23 -21.06
N THR B 263 2.49 16.13 -20.46
CA THR B 263 1.05 15.93 -20.31
C THR B 263 0.73 16.12 -18.83
N GLN B 264 -0.22 17.02 -18.57
CA GLN B 264 -0.52 17.44 -17.20
C GLN B 264 -1.56 16.55 -16.54
N GLY B 265 -1.17 15.94 -15.43
CA GLY B 265 -2.10 15.14 -14.61
C GLY B 265 -2.51 15.91 -13.37
N LEU B 266 -3.08 15.22 -12.39
CA LEU B 266 -3.31 15.82 -11.09
C LEU B 266 -2.05 15.64 -10.27
N GLY B 267 -1.32 16.73 -10.04
CA GLY B 267 0.01 16.67 -9.41
C GLY B 267 1.08 16.20 -10.38
N TRP B 268 1.00 14.95 -10.80
CA TRP B 268 2.00 14.37 -11.71
C TRP B 268 2.02 15.03 -13.07
N GLU B 269 3.22 15.13 -13.63
CA GLU B 269 3.44 15.57 -15.01
C GLU B 269 4.11 14.42 -15.77
N ALA B 270 3.60 14.13 -16.96
CA ALA B 270 4.04 12.94 -17.68
C ALA B 270 4.71 13.22 -19.03
N TYR B 271 5.55 12.26 -19.45
CA TYR B 271 6.31 12.31 -20.69
C TYR B 271 6.35 10.95 -21.32
N ASP B 272 6.50 10.90 -22.64
CA ASP B 272 6.85 9.63 -23.28
C ASP B 272 8.17 9.13 -22.73
N TRP B 273 8.33 7.81 -22.69
CA TRP B 273 9.58 7.24 -22.27
C TRP B 273 9.96 6.09 -23.21
N PRO B 274 11.17 6.14 -23.79
CA PRO B 274 12.22 7.14 -23.59
C PRO B 274 11.92 8.52 -24.17
N ILE B 275 12.61 9.51 -23.65
CA ILE B 275 12.63 10.88 -24.19
C ILE B 275 14.05 11.37 -24.01
N SER B 276 14.48 12.36 -24.78
CA SER B 276 15.83 12.88 -24.64
C SER B 276 15.98 13.63 -23.32
N LEU B 277 17.19 13.60 -22.76
CA LEU B 277 17.52 14.40 -21.59
C LEU B 277 17.16 15.88 -21.81
N LYS B 278 17.50 16.42 -22.98
CA LYS B 278 17.23 17.82 -23.26
C LYS B 278 15.74 18.15 -23.18
N ARG B 279 14.91 17.29 -23.74
CA ARG B 279 13.46 17.50 -23.71
C ARG B 279 12.89 17.34 -22.31
N LEU B 280 13.38 16.36 -21.56
CA LEU B 280 12.94 16.21 -20.17
C LEU B 280 13.35 17.40 -19.31
N GLN B 281 14.56 17.91 -19.54
CA GLN B 281 14.99 19.12 -18.84
C GLN B 281 14.12 20.32 -19.19
N ALA B 282 13.77 20.45 -20.47
CA ALA B 282 12.93 21.58 -20.93
C ALA B 282 11.57 21.57 -20.25
N GLY B 283 11.00 20.38 -20.08
CA GLY B 283 9.70 20.21 -19.41
C GLY B 283 9.75 20.62 -17.94
N ASN B 284 10.95 20.57 -17.37
CA ASN B 284 11.16 20.88 -15.96
C ASN B 284 11.94 22.20 -15.75
N SER B 285 11.94 23.06 -16.76
CA SER B 285 12.76 24.29 -16.74
C SER B 285 12.05 25.46 -16.07
N THR B 286 12.79 26.55 -15.84
CA THR B 286 12.24 27.72 -15.16
C THR B 286 11.09 28.39 -15.94
N PRO B 287 11.20 28.49 -17.29
CA PRO B 287 10.04 29.04 -17.99
C PRO B 287 8.75 28.22 -17.82
N MET B 288 8.87 26.90 -17.72
CA MET B 288 7.68 26.09 -17.41
C MET B 288 6.99 26.48 -16.11
N ALA B 289 7.77 26.85 -15.11
CA ALA B 289 7.24 27.32 -13.84
C ALA B 289 6.74 28.77 -13.88
N LEU B 290 7.43 29.64 -14.62
CA LEU B 290 7.19 31.09 -14.54
C LEU B 290 6.39 31.76 -15.69
N GLN B 291 6.38 31.13 -16.86
CA GLN B 291 5.64 31.65 -18.02
C GLN B 291 4.27 31.01 -18.13
N PRO B 292 3.28 31.78 -18.62
CA PRO B 292 2.03 31.16 -19.01
C PRO B 292 2.20 30.46 -20.36
N HIS B 293 1.55 29.30 -20.53
CA HIS B 293 1.57 28.59 -21.79
C HIS B 293 0.17 28.22 -22.23
N ARG B 294 -0.14 28.40 -23.51
CA ARG B 294 -1.38 27.90 -24.11
C ARG B 294 -1.39 26.39 -23.97
N ILE B 295 -2.56 25.82 -23.64
CA ILE B 295 -2.69 24.38 -23.49
C ILE B 295 -3.25 23.73 -24.73
N ALA B 296 -2.82 22.49 -24.99
CA ALA B 296 -3.43 21.67 -26.03
C ALA B 296 -4.27 20.59 -25.35
N ARG B 297 -5.57 20.85 -25.28
CA ARG B 297 -6.52 20.01 -24.54
C ARG B 297 -6.81 18.67 -25.19
N LEU B 298 -6.66 17.60 -24.43
CA LEU B 298 -6.97 16.25 -24.89
C LEU B 298 -8.49 16.07 -25.02
N PRO B 299 -8.93 15.39 -26.09
CA PRO B 299 -10.35 15.09 -26.35
C PRO B 299 -11.01 14.27 -25.22
N ALA B 300 -10.21 13.47 -24.54
CA ALA B 300 -10.66 12.72 -23.36
C ALA B 300 -9.48 12.60 -22.40
N PRO B 301 -9.75 12.35 -21.10
CA PRO B 301 -8.66 12.08 -20.16
C PRO B 301 -7.85 10.85 -20.59
N GLN B 302 -6.53 10.99 -20.52
CA GLN B 302 -5.61 9.94 -20.94
C GLN B 302 -4.98 9.24 -19.76
N ALA B 303 -5.05 7.91 -19.74
CA ALA B 303 -4.37 7.14 -18.70
C ALA B 303 -2.86 7.29 -18.86
N LEU B 304 -2.20 7.67 -17.77
CA LEU B 304 -0.77 7.89 -17.76
C LEU B 304 -0.10 6.62 -17.27
N GLU B 305 -0.10 5.61 -18.15
CA GLU B 305 0.54 4.33 -17.85
C GLU B 305 1.43 3.87 -19.02
N GLY B 306 1.90 2.63 -18.97
CA GLY B 306 2.77 2.10 -20.02
C GLY B 306 4.13 2.78 -20.08
N GLN B 307 4.61 3.01 -21.29
CA GLN B 307 5.95 3.57 -21.51
C GLN B 307 5.90 5.08 -21.41
N ARG B 308 5.74 5.55 -20.17
CA ARG B 308 5.68 6.96 -19.87
C ARG B 308 6.49 7.23 -18.61
N LEU B 309 7.04 8.43 -18.50
CA LEU B 309 7.70 8.85 -17.27
C LEU B 309 6.79 9.86 -16.59
N LEU B 310 6.38 9.56 -15.37
CA LEU B 310 5.61 10.51 -14.58
C LEU B 310 6.58 11.07 -13.57
N ASN B 311 6.57 12.39 -13.39
CA ASN B 311 7.52 13.01 -12.46
C ASN B 311 7.00 14.24 -11.75
N LYS B 312 7.71 14.65 -10.71
CA LYS B 312 7.47 15.94 -10.09
C LYS B 312 8.72 16.43 -9.40
N THR B 313 9.04 17.70 -9.66
CA THR B 313 10.11 18.42 -8.98
C THR B 313 9.53 19.18 -7.80
N GLY B 314 10.37 19.47 -6.81
CA GLY B 314 9.95 20.31 -5.70
C GLY B 314 11.15 20.89 -5.00
N SER B 315 11.02 22.14 -4.54
CA SER B 315 12.10 22.80 -3.80
C SER B 315 11.53 23.63 -2.66
N THR B 316 12.36 23.81 -1.63
CA THR B 316 12.17 24.89 -0.68
C THR B 316 13.48 25.69 -0.71
N ASN B 317 13.61 26.68 0.18
CA ASN B 317 14.82 27.50 0.25
C ASN B 317 16.09 26.69 0.47
N GLY B 318 15.97 25.61 1.23
CA GLY B 318 17.12 24.80 1.60
C GLY B 318 17.13 23.39 1.05
N PHE B 319 16.13 23.05 0.22
CA PHE B 319 15.97 21.66 -0.23
C PHE B 319 15.60 21.54 -1.70
N GLY B 320 16.02 20.42 -2.31
CA GLY B 320 15.69 20.10 -3.69
C GLY B 320 15.33 18.63 -3.85
N ALA B 321 14.11 18.37 -4.34
CA ALA B 321 13.61 17.00 -4.49
C ALA B 321 13.17 16.72 -5.91
N TYR B 322 13.27 15.46 -6.30
CA TYR B 322 12.75 15.00 -7.59
C TYR B 322 12.27 13.56 -7.46
N VAL B 323 11.11 13.27 -8.02
CA VAL B 323 10.58 11.91 -8.01
C VAL B 323 10.08 11.57 -9.41
N ALA B 324 10.33 10.35 -9.85
CA ALA B 324 9.87 9.88 -11.16
C ALA B 324 9.63 8.38 -11.15
N PHE B 325 8.70 7.92 -11.98
CA PHE B 325 8.49 6.50 -12.13
C PHE B 325 8.01 6.20 -13.55
N VAL B 326 8.29 4.98 -13.99
CA VAL B 326 7.86 4.51 -15.31
C VAL B 326 6.93 3.32 -15.06
N PRO B 327 5.60 3.55 -15.19
CA PRO B 327 4.62 2.52 -14.87
C PRO B 327 4.86 1.21 -15.61
N GLY B 328 5.07 1.28 -16.93
CA GLY B 328 5.20 0.08 -17.78
C GLY B 328 6.50 -0.68 -17.63
N ARG B 329 7.39 -0.19 -16.77
CA ARG B 329 8.69 -0.82 -16.56
C ARG B 329 8.96 -1.13 -15.10
N ASP B 330 7.99 -0.81 -14.25
CA ASP B 330 8.11 -0.95 -12.80
C ASP B 330 9.43 -0.38 -12.29
N LEU B 331 9.73 0.84 -12.71
CA LEU B 331 10.90 1.57 -12.22
C LEU B 331 10.41 2.77 -11.41
N GLY B 332 11.05 3.01 -10.27
CA GLY B 332 10.71 4.15 -9.43
C GLY B 332 11.96 4.79 -8.87
N LEU B 333 11.97 6.12 -8.79
CA LEU B 333 13.15 6.84 -8.34
C LEU B 333 12.81 8.06 -7.47
N VAL B 334 13.59 8.24 -6.41
CA VAL B 334 13.48 9.35 -5.49
C VAL B 334 14.90 9.92 -5.30
N ILE B 335 15.05 11.24 -5.45
CA ILE B 335 16.30 11.93 -5.12
C ILE B 335 15.96 13.12 -4.24
N LEU B 336 16.45 13.10 -3.00
CA LEU B 336 16.16 14.16 -2.03
C LEU B 336 17.47 14.79 -1.57
N ALA B 337 17.57 16.11 -1.68
CA ALA B 337 18.79 16.83 -1.29
C ALA B 337 18.49 17.94 -0.31
N ASN B 338 19.46 18.23 0.57
CA ASN B 338 19.32 19.38 1.46
C ASN B 338 20.06 20.63 0.94
N ARG B 339 19.99 20.83 -0.38
CA ARG B 339 20.21 22.14 -1.02
C ARG B 339 19.25 22.30 -2.22
N ASN B 340 18.80 23.53 -2.45
CA ASN B 340 17.97 23.83 -3.62
C ASN B 340 18.84 24.04 -4.87
N TYR B 341 19.22 22.94 -5.50
CA TYR B 341 20.08 22.97 -6.68
C TYR B 341 19.22 22.86 -7.93
N PRO B 342 19.75 23.30 -9.08
CA PRO B 342 18.90 23.41 -10.29
C PRO B 342 18.13 22.15 -10.72
N ASN B 343 16.86 22.35 -11.10
CA ASN B 343 16.02 21.28 -11.66
C ASN B 343 16.73 20.44 -12.73
N ALA B 344 17.48 21.11 -13.59
CA ALA B 344 18.18 20.43 -14.69
C ALA B 344 19.19 19.42 -14.18
N GLU B 345 19.80 19.72 -13.02
CA GLU B 345 20.80 18.85 -12.42
C GLU B 345 20.15 17.62 -11.77
N ARG B 346 18.98 17.82 -11.19
CA ARG B 346 18.18 16.71 -10.64
C ARG B 346 17.78 15.76 -11.74
N VAL B 347 17.26 16.32 -12.83
CA VAL B 347 16.91 15.54 -14.00
C VAL B 347 18.16 14.82 -14.55
N LYS B 348 19.30 15.50 -14.53
CA LYS B 348 20.55 14.89 -14.97
C LYS B 348 20.85 13.61 -14.18
N ILE B 349 20.79 13.68 -12.85
CA ILE B 349 20.97 12.47 -12.03
C ILE B 349 19.94 11.38 -12.34
N ALA B 350 18.68 11.76 -12.36
CA ALA B 350 17.58 10.81 -12.60
C ALA B 350 17.70 10.13 -13.96
N TYR B 351 18.01 10.92 -14.98
CA TYR B 351 18.13 10.41 -16.33
C TYR B 351 19.28 9.41 -16.46
N ALA B 352 20.40 9.70 -15.80
CA ALA B 352 21.57 8.83 -15.89
C ALA B 352 21.24 7.49 -15.23
N ILE B 353 20.51 7.54 -14.13
CA ILE B 353 20.10 6.33 -13.43
C ILE B 353 19.04 5.54 -14.23
N LEU B 354 17.93 6.18 -14.59
CA LEU B 354 16.89 5.53 -15.35
C LEU B 354 17.34 5.00 -16.72
N SER B 355 18.25 5.72 -17.37
CA SER B 355 18.82 5.27 -18.64
C SER B 355 19.58 3.95 -18.51
N GLY B 356 20.12 3.68 -17.31
CA GLY B 356 20.86 2.45 -17.04
C GLY B 356 20.11 1.33 -16.31
N LEU B 357 18.78 1.43 -16.23
CA LEU B 357 17.98 0.40 -15.59
C LEU B 357 17.23 -0.45 -16.62
#